data_5IIE
#
_entry.id   5IIE
#
_cell.length_a   76.113
_cell.length_b   89.028
_cell.length_c   132.131
_cell.angle_alpha   90.00
_cell.angle_beta   90.00
_cell.angle_gamma   90.00
#
_symmetry.space_group_name_H-M   'P 21 21 21'
#
loop_
_entity.id
_entity.type
_entity.pdbx_description
1 polymer 'antibody DH501 FabH chain'
2 polymer 'antibody DH501 light chain'
3 water water
#
loop_
_entity_poly.entity_id
_entity_poly.type
_entity_poly.pdbx_seq_one_letter_code
_entity_poly.pdbx_strand_id
1 'polypeptide(L)'
;QVTLKEFGPALVKPTQPLTLTCSFSGFSLRSSDTAVVWIRQPPGKALEWLAAIYWDDVEHINPSLKSRLSISKDSPNSLV
VLTMANMDPVDTATYYCGRVRFVSGGYYTDRIDSWGPGLLVTVSSASTKGPSVFPLAPSSRSTSESTAALGCLVKDYFPE
PVTVSWNSGSLTSGVHTFPAVLQSSGLYSLSSVVTVPSSSLGTQTYVCNVNHKPSNTKVDKRVEIKTCGG
;
H,A
2 'polypeptide(L)'
;QSVLTQPPSVSGAPGQRVTISCAGTKSNIGDCSVSWYQQLPGATPRLLIYQNNNRPSGVSDRFSGSKSGTSASLAITGLQ
TEDEADYFCLSYDTSFSGWRFGGGTRLTVLGQPKASPTVTLFPPSSEELQANKATLVCLISDFYPGVVKVAWKADGSAVN
AGVETTTPSKQSNNKYAASSYLSLTSDQWKSHKSYSCQVTHEGSTVEKTVAPAECS
;
L,B
#
# COMPACT_ATOMS: atom_id res chain seq x y z
N GLN A 1 -25.57 10.83 -6.66
CA GLN A 1 -24.24 11.07 -6.09
C GLN A 1 -23.30 9.90 -6.37
N VAL A 2 -22.19 10.18 -7.04
CA VAL A 2 -21.28 9.14 -7.52
C VAL A 2 -19.83 9.35 -7.10
N THR A 3 -19.21 8.31 -6.55
CA THR A 3 -17.82 8.37 -6.12
C THR A 3 -16.99 7.24 -6.70
N LEU A 4 -15.69 7.47 -6.84
CA LEU A 4 -14.77 6.44 -7.28
C LEU A 4 -13.52 6.50 -6.41
N LYS A 5 -12.82 5.37 -6.29
CA LYS A 5 -11.59 5.32 -5.50
C LYS A 5 -10.56 4.40 -6.14
N GLU A 6 -9.35 4.93 -6.33
CA GLU A 6 -8.27 4.14 -6.92
C GLU A 6 -7.54 3.35 -5.83
N PHE A 7 -7.20 2.11 -6.14
CA PHE A 7 -6.36 1.29 -5.26
C PHE A 7 -5.15 0.82 -6.04
N GLY A 8 -3.97 0.91 -5.43
CA GLY A 8 -2.75 0.54 -6.12
C GLY A 8 -1.51 0.89 -5.30
N PRO A 9 -0.33 0.49 -5.79
CA PRO A 9 0.94 0.74 -5.13
C PRO A 9 1.44 2.16 -5.36
N ALA A 10 2.07 2.75 -4.35
CA ALA A 10 2.63 4.09 -4.49
C ALA A 10 3.93 4.04 -5.26
N LEU A 11 4.62 2.90 -5.19
CA LEU A 11 5.95 2.74 -5.75
C LEU A 11 6.07 1.41 -6.50
N VAL A 12 6.63 1.47 -7.71
CA VAL A 12 6.84 0.28 -8.53
C VAL A 12 8.24 0.28 -9.14
N LYS A 13 8.93 -0.85 -9.06
CA LYS A 13 10.25 -0.94 -9.65
C LYS A 13 10.17 -0.91 -11.17
N PRO A 14 11.23 -0.45 -11.84
CA PRO A 14 11.27 -0.48 -13.31
C PRO A 14 11.06 -1.88 -13.85
N THR A 15 10.40 -1.97 -15.01
CA THR A 15 10.10 -3.22 -15.73
C THR A 15 9.02 -4.09 -15.08
N GLN A 16 8.75 -3.87 -13.79
CA GLN A 16 7.67 -4.55 -13.10
C GLN A 16 6.31 -4.03 -13.58
N PRO A 17 5.26 -4.84 -13.43
CA PRO A 17 3.91 -4.41 -13.82
C PRO A 17 3.22 -3.52 -12.79
N LEU A 18 2.35 -2.64 -13.28
CA LEU A 18 1.47 -1.86 -12.43
C LEU A 18 0.06 -2.42 -12.52
N THR A 19 -0.57 -2.65 -11.37
CA THR A 19 -1.96 -3.09 -11.36
C THR A 19 -2.83 -2.12 -10.58
N LEU A 20 -3.81 -1.54 -11.27
CA LEU A 20 -4.69 -0.55 -10.65
C LEU A 20 -6.12 -1.07 -10.53
N THR A 21 -6.76 -0.81 -9.40
CA THR A 21 -8.12 -1.26 -9.15
C THR A 21 -9.06 -0.09 -8.82
N CYS A 22 -10.14 0.03 -9.60
CA CYS A 22 -11.15 1.06 -9.34
C CYS A 22 -12.36 0.49 -8.60
N SER A 23 -12.77 1.15 -7.52
CA SER A 23 -13.94 0.71 -6.75
C SER A 23 -14.97 1.82 -6.66
N PHE A 24 -16.07 1.68 -7.40
CA PHE A 24 -17.03 2.76 -7.52
C PHE A 24 -18.36 2.48 -6.80
N SER A 25 -19.15 3.52 -6.67
CA SER A 25 -20.42 3.45 -5.96
C SER A 25 -21.35 4.56 -6.45
N GLY A 26 -22.65 4.29 -6.46
CA GLY A 26 -23.62 5.28 -6.89
C GLY A 26 -24.11 5.08 -8.31
N PHE A 27 -23.51 4.13 -9.01
CA PHE A 27 -23.94 3.78 -10.37
C PHE A 27 -23.54 2.34 -10.69
N SER A 28 -24.15 1.77 -11.71
CA SER A 28 -23.89 0.38 -12.07
C SER A 28 -23.21 0.28 -13.43
N LEU A 29 -22.22 -0.59 -13.52
CA LEU A 29 -21.52 -0.80 -14.80
C LEU A 29 -22.37 -1.69 -15.72
N ARG A 30 -23.53 -2.11 -15.24
CA ARG A 30 -24.47 -2.86 -16.06
C ARG A 30 -25.38 -1.91 -16.86
N SER A 31 -25.33 -0.63 -16.50
CA SER A 31 -26.13 0.39 -17.17
C SER A 31 -25.69 0.58 -18.61
N SER A 32 -26.66 0.61 -19.53
CA SER A 32 -26.37 0.61 -20.96
C SER A 32 -25.72 1.90 -21.47
N ASP A 33 -25.50 2.87 -20.60
CA ASP A 33 -24.96 4.16 -21.01
C ASP A 33 -23.67 4.54 -20.30
N THR A 34 -23.10 3.63 -19.52
CA THR A 34 -21.94 3.97 -18.72
C THR A 34 -20.73 3.09 -19.04
N ALA A 35 -19.54 3.62 -18.70
CA ALA A 35 -18.29 2.87 -18.77
C ALA A 35 -17.40 3.32 -17.63
N VAL A 36 -16.27 2.64 -17.45
CA VAL A 36 -15.27 3.10 -16.50
C VAL A 36 -13.93 3.31 -17.21
N VAL A 37 -13.30 4.46 -16.96
CA VAL A 37 -12.09 4.86 -17.69
C VAL A 37 -10.92 5.05 -16.73
N TRP A 38 -9.71 4.79 -17.23
CA TRP A 38 -8.49 5.13 -16.49
C TRP A 38 -7.71 6.26 -17.19
N ILE A 39 -7.56 7.38 -16.51
CA ILE A 39 -6.75 8.48 -17.00
C ILE A 39 -5.47 8.60 -16.15
N ARG A 40 -4.36 8.92 -16.79
CA ARG A 40 -3.15 9.24 -16.03
C ARG A 40 -2.63 10.63 -16.38
N GLN A 41 -1.96 11.25 -15.41
CA GLN A 41 -1.36 12.57 -15.62
C GLN A 41 0.02 12.65 -14.96
N PRO A 42 1.08 12.64 -15.78
CA PRO A 42 2.43 12.90 -15.28
C PRO A 42 2.51 14.29 -14.65
N PRO A 43 3.43 14.48 -13.69
CA PRO A 43 3.64 15.77 -13.03
C PRO A 43 3.86 16.92 -14.02
N GLY A 44 2.92 17.85 -14.07
CA GLY A 44 3.04 19.03 -14.90
C GLY A 44 2.93 18.79 -16.39
N LYS A 45 2.12 17.81 -16.79
CA LYS A 45 1.91 17.53 -18.21
C LYS A 45 0.43 17.21 -18.47
N ALA A 46 0.11 16.82 -19.69
CA ALA A 46 -1.30 16.69 -20.10
C ALA A 46 -1.96 15.42 -19.57
N LEU A 47 -3.29 15.43 -19.57
CA LEU A 47 -4.07 14.23 -19.26
C LEU A 47 -3.91 13.22 -20.40
N GLU A 48 -3.92 11.94 -20.05
CA GLU A 48 -3.77 10.87 -21.05
C GLU A 48 -4.78 9.75 -20.85
N TRP A 49 -5.57 9.49 -21.89
CA TRP A 49 -6.52 8.37 -21.87
C TRP A 49 -5.77 7.05 -21.98
N LEU A 50 -5.87 6.22 -20.94
CA LEU A 50 -5.24 4.92 -20.94
C LEU A 50 -6.18 3.88 -21.51
N ALA A 51 -7.20 3.54 -20.74
CA ALA A 51 -8.14 2.49 -21.13
C ALA A 51 -9.51 2.70 -20.51
N ALA A 52 -10.54 2.18 -21.18
CA ALA A 52 -11.89 2.19 -20.66
C ALA A 52 -12.60 0.91 -21.05
N ILE A 53 -13.40 0.36 -20.12
CA ILE A 53 -14.20 -0.81 -20.43
C ILE A 53 -15.69 -0.46 -20.23
N TYR A 54 -16.52 -0.92 -21.15
CA TYR A 54 -17.92 -0.51 -21.18
C TYR A 54 -18.85 -1.59 -20.64
N TRP A 55 -20.14 -1.25 -20.56
CA TRP A 55 -21.13 -2.14 -19.97
C TRP A 55 -21.22 -3.46 -20.72
N ASP A 56 -20.98 -3.42 -22.03
CA ASP A 56 -21.09 -4.60 -22.88
C ASP A 56 -19.72 -5.15 -23.27
N ASP A 57 -18.75 -4.98 -22.37
CA ASP A 57 -17.40 -5.49 -22.55
C ASP A 57 -16.64 -4.88 -23.74
N VAL A 58 -17.14 -3.76 -24.26
CA VAL A 58 -16.39 -3.05 -25.28
C VAL A 58 -15.20 -2.36 -24.62
N GLU A 59 -14.03 -2.46 -25.25
CA GLU A 59 -12.81 -1.87 -24.71
C GLU A 59 -12.25 -0.78 -25.62
N HIS A 60 -12.05 0.41 -25.07
CA HIS A 60 -11.28 1.43 -25.75
C HIS A 60 -9.94 1.61 -25.02
N ILE A 61 -8.92 0.98 -25.58
CA ILE A 61 -7.57 1.03 -25.03
C ILE A 61 -6.68 1.89 -25.91
N ASN A 62 -5.83 2.70 -25.30
CA ASN A 62 -4.89 3.55 -26.03
C ASN A 62 -3.96 2.71 -26.91
N PRO A 63 -4.08 2.86 -28.23
CA PRO A 63 -3.33 2.06 -29.20
C PRO A 63 -1.82 2.27 -29.11
N SER A 64 -1.38 3.31 -28.42
CA SER A 64 0.04 3.55 -28.24
C SER A 64 0.58 2.69 -27.11
N LEU A 65 -0.33 2.15 -26.31
CA LEU A 65 0.03 1.36 -25.14
C LEU A 65 -0.66 0.00 -25.12
N LYS A 66 -1.14 -0.44 -26.28
CA LYS A 66 -1.92 -1.67 -26.39
C LYS A 66 -1.16 -2.90 -25.89
N SER A 67 0.10 -3.02 -26.31
CA SER A 67 0.94 -4.16 -25.94
C SER A 67 1.19 -4.24 -24.44
N ARG A 68 1.00 -3.14 -23.72
CA ARG A 68 1.30 -3.09 -22.29
C ARG A 68 0.05 -3.08 -21.42
N LEU A 69 -1.06 -2.63 -21.99
CA LEU A 69 -2.29 -2.44 -21.22
C LEU A 69 -3.30 -3.57 -21.39
N SER A 70 -3.96 -3.93 -20.29
CA SER A 70 -5.15 -4.78 -20.37
C SER A 70 -6.12 -4.35 -19.28
N ILE A 71 -7.41 -4.47 -19.56
CA ILE A 71 -8.44 -4.05 -18.61
C ILE A 71 -9.47 -5.17 -18.40
N SER A 72 -10.09 -5.18 -17.23
CA SER A 72 -11.11 -6.19 -16.90
C SER A 72 -12.03 -5.65 -15.82
N LYS A 73 -13.24 -6.17 -15.75
CA LYS A 73 -14.22 -5.65 -14.80
C LYS A 73 -14.92 -6.72 -13.97
N ASP A 74 -15.73 -6.25 -13.03
CA ASP A 74 -16.55 -7.09 -12.16
C ASP A 74 -17.76 -6.26 -11.78
N SER A 75 -18.71 -6.12 -12.69
CA SER A 75 -19.90 -5.30 -12.48
C SER A 75 -20.65 -5.61 -11.17
N PRO A 76 -20.88 -6.89 -10.84
CA PRO A 76 -21.62 -7.18 -9.60
C PRO A 76 -20.90 -6.76 -8.33
N ASN A 77 -19.59 -6.55 -8.43
CA ASN A 77 -18.81 -6.08 -7.28
C ASN A 77 -18.27 -4.67 -7.47
N SER A 78 -18.69 -4.02 -8.56
CA SER A 78 -18.31 -2.65 -8.88
C SER A 78 -16.79 -2.44 -8.83
N LEU A 79 -16.06 -3.29 -9.53
CA LEU A 79 -14.60 -3.21 -9.58
C LEU A 79 -14.08 -3.25 -11.03
N VAL A 80 -13.14 -2.36 -11.34
CA VAL A 80 -12.45 -2.38 -12.64
C VAL A 80 -10.94 -2.42 -12.42
N VAL A 81 -10.26 -3.31 -13.13
CA VAL A 81 -8.83 -3.49 -12.93
C VAL A 81 -8.00 -3.22 -14.19
N LEU A 82 -6.98 -2.38 -14.05
CA LEU A 82 -6.07 -2.06 -15.13
C LEU A 82 -4.67 -2.58 -14.81
N THR A 83 -4.02 -3.18 -15.81
CA THR A 83 -2.64 -3.60 -15.64
C THR A 83 -1.76 -2.96 -16.71
N MET A 84 -0.63 -2.42 -16.29
CA MET A 84 0.34 -1.89 -17.23
C MET A 84 1.67 -2.61 -17.06
N ALA A 85 2.08 -3.33 -18.10
CA ALA A 85 3.28 -4.14 -18.04
C ALA A 85 4.52 -3.28 -18.24
N ASN A 86 5.65 -3.76 -17.72
CA ASN A 86 6.95 -3.15 -18.01
C ASN A 86 7.01 -1.65 -17.73
N MET A 87 6.89 -1.27 -16.47
CA MET A 87 6.85 0.15 -16.08
C MET A 87 8.20 0.84 -16.18
N ASP A 88 8.19 2.07 -16.70
CA ASP A 88 9.38 2.90 -16.76
C ASP A 88 9.17 4.10 -15.84
N PRO A 89 10.26 4.73 -15.39
CA PRO A 89 10.18 6.03 -14.72
C PRO A 89 9.26 7.02 -15.42
N VAL A 90 9.32 7.08 -16.74
CA VAL A 90 8.47 7.97 -17.54
C VAL A 90 6.98 7.75 -17.28
N ASP A 91 6.62 6.57 -16.78
CA ASP A 91 5.23 6.25 -16.46
C ASP A 91 4.82 6.71 -15.06
N THR A 92 5.74 7.34 -14.34
CA THR A 92 5.42 7.98 -13.07
C THR A 92 4.34 9.03 -13.29
N ALA A 93 3.20 8.85 -12.63
CA ALA A 93 2.05 9.74 -12.86
C ALA A 93 0.95 9.54 -11.82
N THR A 94 -0.02 10.45 -11.83
CA THR A 94 -1.23 10.26 -11.05
C THR A 94 -2.22 9.54 -11.95
N TYR A 95 -2.81 8.46 -11.44
CA TYR A 95 -3.75 7.68 -12.23
C TYR A 95 -5.17 7.86 -11.70
N TYR A 96 -6.07 8.29 -12.58
CA TYR A 96 -7.46 8.57 -12.19
C TYR A 96 -8.43 7.49 -12.65
N CYS A 97 -9.46 7.27 -11.85
CA CYS A 97 -10.57 6.40 -12.23
C CYS A 97 -11.78 7.27 -12.54
N GLY A 98 -12.53 6.95 -13.58
CA GLY A 98 -13.67 7.76 -13.95
C GLY A 98 -14.83 7.04 -14.60
N ARG A 99 -16.04 7.55 -14.37
CA ARG A 99 -17.19 7.04 -15.08
C ARG A 99 -17.39 7.78 -16.39
N VAL A 100 -17.34 7.04 -17.49
CA VAL A 100 -17.72 7.60 -18.77
C VAL A 100 -19.21 7.38 -19.00
N ARG A 101 -19.93 8.46 -19.33
CA ARG A 101 -21.31 8.33 -19.76
C ARG A 101 -21.37 8.68 -21.24
N PHE A 102 -22.43 8.23 -21.92
CA PHE A 102 -22.57 8.44 -23.35
C PHE A 102 -23.98 8.16 -23.82
N VAL A 103 -24.35 8.69 -24.97
CA VAL A 103 -25.65 8.40 -25.56
C VAL A 103 -25.51 7.17 -26.45
N SER A 104 -26.46 6.26 -26.38
CA SER A 104 -26.46 5.09 -27.25
C SER A 104 -26.71 5.52 -28.69
N GLY A 105 -25.73 5.27 -29.55
CA GLY A 105 -25.71 5.84 -30.88
C GLY A 105 -24.79 7.04 -30.85
N GLY A 106 -25.31 8.21 -31.22
CA GLY A 106 -24.61 9.47 -31.02
C GLY A 106 -23.26 9.65 -31.70
N TYR A 107 -22.52 8.56 -31.87
CA TYR A 107 -21.19 8.55 -32.49
C TYR A 107 -20.14 9.22 -31.60
N TYR A 108 -19.60 8.43 -30.67
CA TYR A 108 -18.54 8.86 -29.75
C TYR A 108 -18.89 10.13 -28.98
N THR A 109 -20.00 10.07 -28.26
CA THR A 109 -20.48 11.20 -27.46
C THR A 109 -19.99 11.09 -26.02
N ASP A 110 -19.04 10.18 -25.81
CA ASP A 110 -18.57 9.85 -24.46
C ASP A 110 -17.93 11.04 -23.75
N ARG A 111 -18.07 11.07 -22.43
CA ARG A 111 -17.47 12.12 -21.62
C ARG A 111 -17.21 11.62 -20.19
N ILE A 112 -16.14 12.11 -19.58
CA ILE A 112 -15.77 11.71 -18.23
C ILE A 112 -16.41 12.63 -17.20
N ASP A 113 -17.56 12.23 -16.67
CA ASP A 113 -18.35 13.12 -15.81
C ASP A 113 -18.17 12.86 -14.32
N SER A 114 -17.30 11.91 -13.98
CA SER A 114 -17.01 11.61 -12.58
C SER A 114 -15.58 11.13 -12.45
N TRP A 115 -14.87 11.65 -11.44
CA TRP A 115 -13.45 11.33 -11.28
C TRP A 115 -13.13 10.85 -9.88
N GLY A 116 -12.26 9.85 -9.79
CA GLY A 116 -11.69 9.46 -8.51
C GLY A 116 -10.62 10.46 -8.12
N PRO A 117 -10.15 10.40 -6.87
CA PRO A 117 -9.20 11.40 -6.38
C PRO A 117 -7.80 11.25 -6.98
N GLY A 118 -7.60 10.17 -7.73
CA GLY A 118 -6.31 9.91 -8.37
C GLY A 118 -5.31 9.32 -7.39
N LEU A 119 -4.48 8.42 -7.89
CA LEU A 119 -3.45 7.78 -7.08
C LEU A 119 -2.07 8.01 -7.69
N LEU A 120 -1.15 8.54 -6.90
CA LEU A 120 0.19 8.83 -7.39
C LEU A 120 1.06 7.59 -7.40
N VAL A 121 1.49 7.18 -8.58
CA VAL A 121 2.40 6.04 -8.74
C VAL A 121 3.78 6.53 -9.12
N THR A 122 4.79 6.08 -8.37
CA THR A 122 6.16 6.45 -8.67
C THR A 122 6.98 5.23 -9.09
N VAL A 123 7.58 5.31 -10.28
CA VAL A 123 8.36 4.21 -10.81
C VAL A 123 9.86 4.43 -10.57
N SER A 124 10.39 3.78 -9.54
CA SER A 124 11.77 4.02 -9.17
C SER A 124 12.43 2.77 -8.61
N SER A 125 13.73 2.64 -8.87
CA SER A 125 14.51 1.54 -8.33
C SER A 125 14.81 1.80 -6.86
N ALA A 126 14.61 3.05 -6.44
CA ALA A 126 14.84 3.45 -5.05
C ALA A 126 13.87 2.73 -4.13
N SER A 127 14.30 2.56 -2.88
CA SER A 127 13.49 1.83 -1.91
C SER A 127 12.68 2.78 -1.03
N THR A 128 11.53 2.29 -0.58
CA THR A 128 10.65 3.05 0.31
C THR A 128 11.36 3.45 1.60
N LYS A 129 11.28 4.72 1.94
CA LYS A 129 11.80 5.20 3.21
C LYS A 129 10.76 6.06 3.92
N GLY A 130 10.61 5.84 5.23
CA GLY A 130 9.71 6.64 6.04
C GLY A 130 10.46 7.85 6.58
N PRO A 131 9.72 8.93 6.88
CA PRO A 131 10.31 10.19 7.34
C PRO A 131 10.61 10.24 8.84
N SER A 132 11.45 11.18 9.24
CA SER A 132 11.65 11.52 10.64
C SER A 132 10.90 12.82 10.94
N VAL A 133 9.97 12.77 11.88
CA VAL A 133 9.14 13.93 12.20
C VAL A 133 9.74 14.79 13.31
N PHE A 134 9.90 16.08 13.04
CA PHE A 134 10.48 17.01 14.00
C PHE A 134 9.58 18.20 14.26
N PRO A 135 9.53 18.66 15.52
CA PRO A 135 8.71 19.82 15.88
C PRO A 135 9.29 21.13 15.37
N LEU A 136 8.44 22.10 15.08
CA LEU A 136 8.90 23.42 14.68
C LEU A 136 8.26 24.48 15.58
N ALA A 137 9.07 25.10 16.43
CA ALA A 137 8.59 26.10 17.38
C ALA A 137 9.60 27.23 17.51
N PRO A 138 9.18 28.38 18.07
CA PRO A 138 10.14 29.48 18.30
C PRO A 138 11.12 29.14 19.42
N GLU A 145 3.96 39.32 18.13
CA GLU A 145 3.45 39.15 19.48
C GLU A 145 1.97 38.80 19.44
N SER A 146 1.32 39.13 18.32
CA SER A 146 -0.11 38.89 18.17
C SER A 146 -0.43 37.39 18.07
N THR A 147 0.13 36.74 17.06
CA THR A 147 -0.06 35.30 16.88
C THR A 147 1.29 34.59 16.78
N ALA A 148 1.25 33.26 16.68
CA ALA A 148 2.47 32.47 16.63
C ALA A 148 2.37 31.33 15.62
N ALA A 149 3.51 30.99 15.02
CA ALA A 149 3.56 29.93 14.02
C ALA A 149 4.20 28.66 14.59
N LEU A 150 3.43 27.58 14.62
CA LEU A 150 3.94 26.27 15.02
C LEU A 150 4.00 25.38 13.79
N GLY A 151 4.82 24.34 13.85
CA GLY A 151 4.95 23.46 12.71
C GLY A 151 5.52 22.07 12.98
N CYS A 152 5.59 21.28 11.91
CA CYS A 152 6.27 20.00 11.94
C CYS A 152 7.13 19.82 10.70
N LEU A 153 8.37 19.37 10.90
CA LEU A 153 9.25 19.02 9.80
C LEU A 153 9.12 17.54 9.48
N VAL A 154 8.64 17.23 8.27
CA VAL A 154 8.59 15.85 7.79
C VAL A 154 9.78 15.62 6.86
N LYS A 155 10.87 15.08 7.42
CA LYS A 155 12.17 15.04 6.74
C LYS A 155 12.55 13.67 6.18
N ASP A 156 13.02 13.65 4.93
CA ASP A 156 13.59 12.46 4.29
C ASP A 156 12.61 11.28 4.17
N TYR A 157 11.75 11.32 3.16
CA TYR A 157 10.83 10.22 2.89
C TYR A 157 10.73 9.94 1.39
N PHE A 158 10.37 8.72 1.05
CA PHE A 158 10.20 8.32 -0.35
C PHE A 158 9.38 7.05 -0.47
N PRO A 159 8.43 7.01 -1.41
CA PRO A 159 8.12 8.12 -2.30
C PRO A 159 6.98 9.00 -1.78
N GLU A 160 6.53 9.94 -2.59
CA GLU A 160 5.31 10.70 -2.29
C GLU A 160 4.14 9.72 -2.28
N PRO A 161 3.03 10.07 -1.58
CA PRO A 161 2.76 11.32 -0.87
C PRO A 161 2.78 11.21 0.66
N VAL A 162 2.59 12.36 1.29
CA VAL A 162 2.48 12.47 2.74
C VAL A 162 1.26 13.31 3.06
N THR A 163 0.51 12.94 4.10
CA THR A 163 -0.56 13.80 4.58
C THR A 163 -0.27 14.26 6.00
N VAL A 164 -0.76 15.45 6.35
CA VAL A 164 -0.59 16.00 7.68
C VAL A 164 -1.89 16.60 8.19
N SER A 165 -2.26 16.22 9.42
CA SER A 165 -3.37 16.87 10.09
C SER A 165 -2.89 17.35 11.46
N TRP A 166 -3.75 18.05 12.18
CA TRP A 166 -3.40 18.55 13.51
C TRP A 166 -4.48 18.22 14.52
N ASN A 167 -4.05 17.70 15.67
CA ASN A 167 -4.95 17.21 16.71
C ASN A 167 -5.98 16.25 16.12
N SER A 168 -5.48 15.30 15.32
CA SER A 168 -6.31 14.29 14.66
C SER A 168 -7.38 14.91 13.74
N GLY A 169 -7.08 16.08 13.19
CA GLY A 169 -7.97 16.73 12.25
C GLY A 169 -9.00 17.69 12.85
N SER A 170 -8.95 17.86 14.17
CA SER A 170 -9.87 18.78 14.84
C SER A 170 -9.47 20.22 14.59
N LEU A 171 -8.22 20.41 14.17
CA LEU A 171 -7.69 21.75 13.92
C LEU A 171 -7.35 21.92 12.44
N THR A 172 -8.12 22.74 11.77
CA THR A 172 -7.93 22.97 10.36
C THR A 172 -7.69 24.42 10.06
N SER A 173 -8.21 25.28 10.89
CA SER A 173 -8.09 26.68 10.63
C SER A 173 -6.66 27.10 10.77
N GLY A 174 -6.11 27.70 9.72
CA GLY A 174 -4.80 28.27 9.84
C GLY A 174 -3.69 27.26 9.75
N VAL A 175 -4.07 26.07 9.36
CA VAL A 175 -3.12 25.08 8.86
C VAL A 175 -2.73 25.30 7.40
N HIS A 176 -1.42 25.36 7.16
CA HIS A 176 -0.87 25.41 5.81
C HIS A 176 0.23 24.35 5.69
N THR A 177 -0.04 23.32 4.89
CA THR A 177 0.96 22.28 4.62
C THR A 177 1.59 22.49 3.24
N PHE A 178 2.90 22.70 3.24
CA PHE A 178 3.61 23.06 2.02
C PHE A 178 3.98 21.86 1.17
N PRO A 179 3.92 22.03 -0.17
CA PRO A 179 4.45 21.07 -1.14
C PRO A 179 5.87 20.62 -0.78
N ALA A 180 6.18 19.36 -1.08
CA ALA A 180 7.43 18.75 -0.68
C ALA A 180 8.60 19.20 -1.53
N VAL A 181 9.78 19.21 -0.93
CA VAL A 181 11.01 19.51 -1.65
C VAL A 181 11.70 18.19 -1.97
N LEU A 182 12.39 18.15 -3.10
CA LEU A 182 13.12 16.95 -3.49
C LEU A 182 14.62 17.19 -3.39
N GLN A 183 15.24 16.61 -2.38
CA GLN A 183 16.67 16.77 -2.16
C GLN A 183 17.49 16.03 -3.22
N SER A 184 18.78 16.33 -3.27
CA SER A 184 19.69 15.67 -4.21
C SER A 184 19.95 14.23 -3.80
N SER A 185 19.47 13.89 -2.61
CA SER A 185 19.60 12.54 -2.07
C SER A 185 18.56 11.60 -2.65
N GLY A 186 17.62 12.15 -3.39
CA GLY A 186 16.52 11.36 -3.94
C GLY A 186 15.46 11.14 -2.88
N LEU A 187 15.45 12.01 -1.87
CA LEU A 187 14.49 11.92 -0.78
C LEU A 187 13.60 13.15 -0.73
N TYR A 188 12.35 12.98 -0.33
CA TYR A 188 11.42 14.10 -0.21
C TYR A 188 11.40 14.66 1.22
N SER A 189 11.00 15.92 1.34
CA SER A 189 10.78 16.55 2.64
C SER A 189 9.73 17.65 2.48
N LEU A 190 8.86 17.79 3.48
CA LEU A 190 7.96 18.93 3.51
C LEU A 190 7.80 19.47 4.94
N SER A 191 6.98 20.51 5.09
CA SER A 191 6.75 21.12 6.38
C SER A 191 5.30 21.57 6.48
N SER A 192 4.73 21.47 7.68
CA SER A 192 3.34 21.86 7.88
C SER A 192 3.22 22.83 9.06
N VAL A 193 2.83 24.06 8.78
CA VAL A 193 2.66 25.07 9.83
C VAL A 193 1.21 25.32 10.17
N VAL A 194 0.99 25.81 11.39
CA VAL A 194 -0.33 26.25 11.81
C VAL A 194 -0.18 27.55 12.60
N THR A 195 -0.95 28.56 12.22
CA THR A 195 -0.89 29.85 12.88
C THR A 195 -1.93 29.92 13.97
N VAL A 196 -1.49 29.80 15.21
CA VAL A 196 -2.40 29.84 16.35
C VAL A 196 -2.15 31.09 17.20
N PRO A 197 -3.23 31.64 17.78
CA PRO A 197 -3.18 32.76 18.72
C PRO A 197 -2.05 32.61 19.73
N SER A 198 -1.33 33.69 19.99
CA SER A 198 -0.20 33.66 20.91
C SER A 198 -0.62 33.24 22.32
N SER A 199 -1.79 33.73 22.74
CA SER A 199 -2.29 33.45 24.08
C SER A 199 -2.61 31.98 24.33
N SER A 200 -2.88 31.24 23.24
CA SER A 200 -3.29 29.85 23.37
C SER A 200 -2.12 28.89 23.58
N LEU A 201 -0.91 29.42 23.53
CA LEU A 201 0.29 28.60 23.71
C LEU A 201 0.41 28.09 25.13
N GLY A 202 -0.23 28.77 26.07
CA GLY A 202 -0.17 28.41 27.46
C GLY A 202 -1.08 27.26 27.83
N THR A 203 -2.22 27.16 27.15
CA THR A 203 -3.24 26.19 27.52
C THR A 203 -3.44 25.09 26.49
N GLN A 204 -3.53 25.47 25.22
CA GLN A 204 -3.80 24.52 24.15
C GLN A 204 -2.59 23.66 23.84
N THR A 205 -2.83 22.38 23.54
CA THR A 205 -1.76 21.45 23.18
C THR A 205 -1.88 21.03 21.71
N TYR A 206 -0.78 21.16 20.97
CA TYR A 206 -0.81 20.97 19.51
C TYR A 206 -0.03 19.75 19.04
N VAL A 207 -0.71 18.85 18.35
CA VAL A 207 -0.11 17.62 17.84
C VAL A 207 -0.31 17.46 16.34
N CYS A 208 0.79 17.39 15.59
CA CYS A 208 0.69 17.16 14.16
C CYS A 208 0.64 15.65 13.88
N ASN A 209 -0.30 15.25 13.03
CA ASN A 209 -0.43 13.85 12.64
C ASN A 209 0.15 13.65 11.26
N VAL A 210 1.22 12.85 11.19
CA VAL A 210 1.94 12.66 9.95
C VAL A 210 1.72 11.26 9.39
N ASN A 211 1.19 11.18 8.18
CA ASN A 211 0.95 9.90 7.54
C ASN A 211 1.77 9.70 6.28
N HIS A 212 2.40 8.53 6.19
CA HIS A 212 3.14 8.13 5.00
C HIS A 212 2.83 6.67 4.69
N LYS A 213 1.67 6.46 4.08
CA LYS A 213 1.20 5.12 3.72
C LYS A 213 2.21 4.26 2.95
N PRO A 214 3.02 4.85 2.04
CA PRO A 214 4.00 4.00 1.35
C PRO A 214 4.97 3.28 2.28
N SER A 215 5.19 3.80 3.49
CA SER A 215 6.05 3.13 4.46
C SER A 215 5.23 2.69 5.67
N ASN A 216 3.91 2.78 5.54
CA ASN A 216 2.98 2.47 6.63
C ASN A 216 3.31 3.24 7.91
N THR A 217 3.81 4.46 7.74
CA THR A 217 4.25 5.27 8.85
C THR A 217 3.21 6.30 9.27
N LYS A 218 2.91 6.32 10.56
CA LYS A 218 2.01 7.32 11.12
C LYS A 218 2.52 7.75 12.49
N VAL A 219 3.05 8.97 12.55
CA VAL A 219 3.69 9.48 13.77
C VAL A 219 2.98 10.71 14.32
N ASP A 220 2.71 10.70 15.62
CA ASP A 220 2.21 11.88 16.31
C ASP A 220 3.37 12.62 16.96
N LYS A 221 3.32 13.94 16.97
CA LYS A 221 4.39 14.73 17.56
C LYS A 221 3.89 15.97 18.29
N ARG A 222 4.25 16.09 19.56
CA ARG A 222 3.94 17.29 20.34
C ARG A 222 4.89 18.42 19.96
N VAL A 223 4.32 19.60 19.72
CA VAL A 223 5.10 20.74 19.28
C VAL A 223 5.01 21.89 20.27
N GLU A 224 5.85 21.85 21.30
CA GLU A 224 5.88 22.95 22.26
C GLU A 224 7.21 23.69 22.19
N ILE A 225 7.42 24.60 23.13
CA ILE A 225 8.62 25.43 23.15
C ILE A 225 9.69 24.88 24.08
N SER B 2 -1.02 13.58 -28.89
CA SER B 2 -1.59 14.90 -28.66
C SER B 2 -1.65 15.71 -29.94
N VAL B 3 -2.35 15.19 -30.95
CA VAL B 3 -2.55 15.91 -32.20
C VAL B 3 -3.39 17.15 -31.95
N LEU B 4 -4.28 17.05 -30.95
CA LEU B 4 -5.11 18.19 -30.55
C LEU B 4 -4.23 19.31 -30.01
N THR B 5 -4.22 20.43 -30.72
CA THR B 5 -3.32 21.53 -30.39
C THR B 5 -4.01 22.60 -29.52
N GLN B 6 -3.39 22.90 -28.38
CA GLN B 6 -3.88 23.95 -27.50
C GLN B 6 -2.79 24.99 -27.25
N PRO B 7 -3.20 26.26 -27.07
CA PRO B 7 -2.22 27.26 -26.63
C PRO B 7 -1.75 26.94 -25.21
N PRO B 8 -0.43 26.89 -24.98
CA PRO B 8 0.10 26.57 -23.65
C PRO B 8 -0.44 27.49 -22.58
N SER B 9 -0.53 28.79 -22.87
CA SER B 9 -1.02 29.74 -21.88
C SER B 9 -1.99 30.77 -22.48
N VAL B 10 -3.01 31.12 -21.70
CA VAL B 10 -3.96 32.18 -22.05
C VAL B 10 -4.17 33.08 -20.84
N SER B 11 -4.05 34.39 -21.03
CA SER B 11 -4.20 35.34 -19.95
C SER B 11 -5.44 36.21 -20.13
N GLY B 12 -5.92 36.79 -19.03
CA GLY B 12 -7.10 37.64 -19.08
C GLY B 12 -7.24 38.56 -17.87
N ALA B 13 -7.82 39.73 -18.11
CA ALA B 13 -8.10 40.69 -17.05
C ALA B 13 -9.52 40.47 -16.52
N PRO B 14 -9.78 40.83 -15.26
CA PRO B 14 -11.07 40.47 -14.67
C PRO B 14 -12.26 41.10 -15.39
N GLY B 15 -13.27 40.27 -15.70
CA GLY B 15 -14.49 40.73 -16.33
C GLY B 15 -14.52 40.48 -17.82
N GLN B 16 -13.35 40.35 -18.44
CA GLN B 16 -13.27 40.18 -19.87
C GLN B 16 -13.62 38.76 -20.29
N ARG B 17 -13.63 38.53 -21.60
CA ARG B 17 -13.89 37.21 -22.16
C ARG B 17 -12.62 36.64 -22.78
N VAL B 18 -12.37 35.36 -22.54
CA VAL B 18 -11.23 34.69 -23.15
C VAL B 18 -11.67 33.51 -23.99
N THR B 19 -10.76 33.02 -24.81
CA THR B 19 -11.03 31.86 -25.66
C THR B 19 -9.84 30.91 -25.64
N ILE B 20 -10.14 29.61 -25.52
CA ILE B 20 -9.12 28.57 -25.54
C ILE B 20 -9.40 27.59 -26.66
N SER B 21 -8.56 27.64 -27.70
CA SER B 21 -8.80 26.85 -28.90
C SER B 21 -8.21 25.45 -28.83
N CYS B 22 -8.82 24.54 -29.59
CA CYS B 22 -8.37 23.17 -29.69
C CYS B 22 -8.38 22.75 -31.15
N ALA B 23 -7.20 22.66 -31.76
CA ALA B 23 -7.11 22.37 -33.19
C ALA B 23 -6.73 20.91 -33.45
N GLY B 24 -7.38 20.29 -34.43
CA GLY B 24 -7.12 18.92 -34.78
C GLY B 24 -7.45 18.61 -36.23
N THR B 25 -7.69 17.34 -36.55
CA THR B 25 -8.07 16.93 -37.90
C THR B 25 -9.57 16.66 -37.98
N LYS B 26 -10.05 16.30 -39.17
CA LYS B 26 -11.45 15.94 -39.33
C LYS B 26 -11.74 14.62 -38.63
N SER B 27 -10.73 13.75 -38.61
CA SER B 27 -10.84 12.44 -37.97
C SER B 27 -11.27 12.56 -36.52
N ASN B 28 -10.70 13.51 -35.80
CA ASN B 28 -11.04 13.73 -34.41
C ASN B 28 -12.13 14.79 -34.22
N ILE B 29 -11.73 16.05 -34.18
CA ILE B 29 -12.61 17.16 -33.84
C ILE B 29 -13.67 17.43 -34.92
N GLY B 30 -13.28 17.28 -36.18
CA GLY B 30 -14.19 17.53 -37.28
C GLY B 30 -15.49 16.76 -37.24
N ASP B 31 -15.45 15.51 -36.80
CA ASP B 31 -16.63 14.65 -36.81
C ASP B 31 -17.13 14.25 -35.43
N CYS B 32 -16.19 14.00 -34.51
CA CYS B 32 -16.56 13.47 -33.20
C CYS B 32 -16.89 14.59 -32.23
N SER B 33 -17.46 14.22 -31.08
CA SER B 33 -17.85 15.20 -30.07
C SER B 33 -16.67 15.60 -29.20
N VAL B 34 -16.65 16.86 -28.79
CA VAL B 34 -15.57 17.36 -27.96
C VAL B 34 -16.04 17.65 -26.54
N SER B 35 -15.25 17.27 -25.56
CA SER B 35 -15.54 17.59 -24.17
C SER B 35 -14.42 18.43 -23.55
N TRP B 36 -14.78 19.30 -22.61
CA TRP B 36 -13.81 20.22 -22.00
C TRP B 36 -13.68 19.99 -20.50
N TYR B 37 -12.45 20.05 -20.00
CA TYR B 37 -12.19 19.71 -18.62
C TYR B 37 -11.38 20.79 -17.91
N GLN B 38 -11.84 21.17 -16.73
CA GLN B 38 -11.17 22.16 -15.91
C GLN B 38 -10.39 21.47 -14.82
N GLN B 39 -9.23 22.02 -14.47
CA GLN B 39 -8.43 21.50 -13.38
C GLN B 39 -7.84 22.63 -12.55
N LEU B 40 -8.49 22.95 -11.43
CA LEU B 40 -7.94 23.93 -10.49
C LEU B 40 -6.58 23.41 -10.03
N PRO B 41 -5.63 24.32 -9.78
CA PRO B 41 -4.26 23.95 -9.40
C PRO B 41 -4.22 22.87 -8.32
N GLY B 42 -3.52 21.78 -8.61
CA GLY B 42 -3.38 20.68 -7.67
C GLY B 42 -4.67 20.00 -7.28
N ALA B 43 -5.61 19.92 -8.20
CA ALA B 43 -6.93 19.35 -7.92
C ALA B 43 -7.36 18.34 -8.99
N THR B 44 -8.51 17.71 -8.73
CA THR B 44 -9.05 16.72 -9.65
C THR B 44 -9.85 17.38 -10.76
N PRO B 45 -9.64 16.93 -12.01
CA PRO B 45 -10.37 17.43 -13.19
C PRO B 45 -11.89 17.38 -13.01
N ARG B 46 -12.57 18.31 -13.68
CA ARG B 46 -14.02 18.46 -13.59
C ARG B 46 -14.60 18.71 -14.97
N LEU B 47 -15.65 17.97 -15.34
CA LEU B 47 -16.27 18.12 -16.65
C LEU B 47 -16.95 19.49 -16.78
N LEU B 48 -16.59 20.22 -17.83
CA LEU B 48 -17.08 21.57 -18.08
C LEU B 48 -18.05 21.59 -19.25
N ILE B 49 -17.63 20.97 -20.35
CA ILE B 49 -18.42 20.90 -21.57
C ILE B 49 -18.36 19.48 -22.12
N TYR B 50 -19.48 18.97 -22.59
CA TYR B 50 -19.53 17.69 -23.29
C TYR B 50 -20.41 17.80 -24.52
N GLN B 51 -20.12 16.99 -25.52
CA GLN B 51 -20.78 17.10 -26.82
C GLN B 51 -20.71 18.53 -27.34
N ASN B 52 -19.49 19.01 -27.52
CA ASN B 52 -19.20 20.31 -28.16
C ASN B 52 -19.69 21.53 -27.38
N ASN B 53 -20.98 21.57 -27.03
CA ASN B 53 -21.57 22.80 -26.50
C ASN B 53 -22.48 22.65 -25.28
N ASN B 54 -22.51 21.46 -24.68
CA ASN B 54 -23.44 21.22 -23.57
C ASN B 54 -22.80 21.36 -22.20
N ARG B 55 -23.53 21.98 -21.28
CA ARG B 55 -23.09 22.10 -19.89
C ARG B 55 -23.80 21.11 -18.98
N PRO B 56 -23.03 20.43 -18.12
CA PRO B 56 -23.63 19.63 -17.05
C PRO B 56 -24.29 20.55 -16.02
N SER B 57 -25.05 19.99 -15.09
CA SER B 57 -25.62 20.79 -14.02
C SER B 57 -24.52 21.34 -13.13
N GLY B 58 -24.71 22.56 -12.63
CA GLY B 58 -23.76 23.17 -11.72
C GLY B 58 -22.74 24.05 -12.40
N VAL B 59 -22.32 23.66 -13.60
CA VAL B 59 -21.31 24.40 -14.35
C VAL B 59 -21.81 25.79 -14.76
N SER B 60 -21.05 26.83 -14.41
CA SER B 60 -21.44 28.21 -14.67
C SER B 60 -21.85 28.44 -16.12
N ASP B 61 -22.76 29.38 -16.32
CA ASP B 61 -23.21 29.74 -17.65
C ASP B 61 -22.21 30.67 -18.32
N ARG B 62 -21.16 31.01 -17.59
CA ARG B 62 -20.08 31.83 -18.12
C ARG B 62 -19.20 31.00 -19.04
N PHE B 63 -19.33 29.68 -18.93
CA PHE B 63 -18.62 28.75 -19.79
C PHE B 63 -19.46 28.33 -20.99
N SER B 64 -18.80 28.11 -22.12
CA SER B 64 -19.48 27.69 -23.33
C SER B 64 -18.47 27.14 -24.33
N GLY B 65 -18.91 26.23 -25.18
CA GLY B 65 -18.04 25.65 -26.17
C GLY B 65 -18.66 25.66 -27.57
N SER B 66 -17.90 26.14 -28.54
CA SER B 66 -18.30 26.05 -29.92
C SER B 66 -17.38 25.08 -30.65
N LYS B 67 -17.85 24.56 -31.78
CA LYS B 67 -17.00 23.78 -32.67
C LYS B 67 -17.28 24.23 -34.09
N SER B 68 -16.23 24.63 -34.80
CA SER B 68 -16.38 25.01 -36.20
C SER B 68 -15.19 24.52 -37.01
N GLY B 69 -15.46 23.62 -37.96
CA GLY B 69 -14.42 23.07 -38.80
C GLY B 69 -13.58 22.04 -38.06
N THR B 70 -12.27 22.14 -38.24
CA THR B 70 -11.34 21.17 -37.67
C THR B 70 -10.79 21.68 -36.33
N SER B 71 -11.48 22.64 -35.74
CA SER B 71 -11.00 23.26 -34.50
C SER B 71 -12.15 23.56 -33.54
N ALA B 72 -11.90 23.35 -32.25
CA ALA B 72 -12.90 23.60 -31.22
C ALA B 72 -12.43 24.68 -30.25
N SER B 73 -13.36 25.30 -29.53
CA SER B 73 -13.03 26.40 -28.63
C SER B 73 -13.90 26.45 -27.38
N LEU B 74 -13.28 26.81 -26.27
CA LEU B 74 -13.98 27.05 -25.03
C LEU B 74 -13.92 28.54 -24.69
N ALA B 75 -15.06 29.19 -24.62
CA ALA B 75 -15.12 30.61 -24.30
C ALA B 75 -15.53 30.83 -22.85
N ILE B 76 -14.82 31.73 -22.18
CA ILE B 76 -15.14 32.08 -20.80
C ILE B 76 -15.43 33.57 -20.68
N THR B 77 -16.66 33.91 -20.32
CA THR B 77 -17.03 35.31 -20.16
C THR B 77 -16.96 35.73 -18.69
N GLY B 78 -16.86 37.03 -18.46
CA GLY B 78 -16.82 37.58 -17.12
C GLY B 78 -15.76 36.91 -16.26
N LEU B 79 -14.52 36.92 -16.76
CA LEU B 79 -13.42 36.17 -16.16
C LEU B 79 -13.18 36.54 -14.71
N GLN B 80 -13.18 35.53 -13.85
CA GLN B 80 -12.88 35.72 -12.43
C GLN B 80 -11.59 35.02 -12.06
N THR B 81 -11.02 35.40 -10.92
CA THR B 81 -9.78 34.82 -10.44
C THR B 81 -9.94 33.32 -10.23
N GLU B 82 -11.13 32.91 -9.80
CA GLU B 82 -11.42 31.52 -9.49
C GLU B 82 -11.46 30.63 -10.73
N ASP B 83 -11.29 31.25 -11.90
CA ASP B 83 -11.24 30.50 -13.15
C ASP B 83 -9.80 30.11 -13.50
N GLU B 84 -8.85 30.53 -12.67
CA GLU B 84 -7.46 30.13 -12.87
C GLU B 84 -7.36 28.62 -12.73
N ALA B 85 -7.09 27.95 -13.85
CA ALA B 85 -7.03 26.51 -13.87
C ALA B 85 -6.30 26.02 -15.12
N ASP B 86 -6.24 24.71 -15.29
CA ASP B 86 -5.75 24.13 -16.53
C ASP B 86 -6.93 23.53 -17.28
N TYR B 87 -6.94 23.73 -18.60
CA TYR B 87 -8.10 23.35 -19.40
C TYR B 87 -7.71 22.40 -20.54
N PHE B 88 -8.36 21.23 -20.56
CA PHE B 88 -8.10 20.19 -21.55
C PHE B 88 -9.33 19.90 -22.40
N CYS B 89 -9.14 19.74 -23.70
CA CYS B 89 -10.22 19.26 -24.56
C CYS B 89 -10.06 17.77 -24.78
N LEU B 90 -11.14 17.11 -25.17
CA LEU B 90 -11.13 15.66 -25.40
C LEU B 90 -11.95 15.26 -26.63
N SER B 91 -11.42 14.32 -27.40
CA SER B 91 -12.12 13.85 -28.60
C SER B 91 -11.63 12.48 -29.04
N TYR B 92 -12.51 11.74 -29.71
CA TYR B 92 -12.13 10.46 -30.29
C TYR B 92 -11.62 10.68 -31.72
N ASP B 93 -10.62 9.90 -32.11
CA ASP B 93 -10.01 10.01 -33.43
C ASP B 93 -10.14 8.68 -34.16
N THR B 94 -10.76 8.71 -35.34
CA THR B 94 -11.03 7.50 -36.09
C THR B 94 -9.81 6.99 -36.87
N SER B 95 -8.98 7.92 -37.33
CA SER B 95 -7.74 7.54 -38.01
C SER B 95 -6.77 6.96 -36.98
N PHE B 96 -6.88 7.45 -35.75
CA PHE B 96 -6.01 7.03 -34.67
C PHE B 96 -6.61 5.84 -33.93
N SER B 97 -7.93 5.73 -33.99
CA SER B 97 -8.68 4.70 -33.27
C SER B 97 -8.38 4.75 -31.78
N GLY B 98 -8.69 5.88 -31.17
CA GLY B 98 -8.45 6.10 -29.77
C GLY B 98 -8.78 7.51 -29.36
N TRP B 99 -8.91 7.74 -28.05
CA TRP B 99 -9.23 9.04 -27.50
C TRP B 99 -7.96 9.86 -27.24
N ARG B 100 -7.99 11.14 -27.59
CA ARG B 100 -6.84 11.99 -27.32
C ARG B 100 -7.22 13.32 -26.69
N PHE B 101 -6.42 13.73 -25.70
CA PHE B 101 -6.54 15.03 -25.08
C PHE B 101 -5.69 16.06 -25.81
N GLY B 102 -6.01 17.33 -25.61
CA GLY B 102 -5.10 18.39 -26.01
C GLY B 102 -3.95 18.41 -25.03
N GLY B 103 -2.92 19.21 -25.31
CA GLY B 103 -1.79 19.33 -24.41
C GLY B 103 -2.12 20.07 -23.13
N GLY B 104 -3.26 20.78 -23.14
CA GLY B 104 -3.71 21.54 -22.00
C GLY B 104 -3.40 23.02 -22.12
N THR B 105 -4.18 23.84 -21.43
CA THR B 105 -3.99 25.28 -21.46
C THR B 105 -4.10 25.89 -20.06
N ARG B 106 -3.02 26.54 -19.62
CA ARG B 106 -3.01 27.24 -18.34
C ARG B 106 -3.66 28.62 -18.46
N LEU B 107 -4.65 28.88 -17.62
CA LEU B 107 -5.34 30.17 -17.60
C LEU B 107 -4.92 31.02 -16.40
N THR B 108 -4.45 32.23 -16.68
CA THR B 108 -4.04 33.15 -15.63
C THR B 108 -4.92 34.39 -15.62
N VAL B 109 -5.35 34.82 -14.43
CA VAL B 109 -6.18 36.02 -14.30
C VAL B 109 -5.39 37.10 -13.55
N LEU B 110 -5.43 38.33 -14.08
CA LEU B 110 -4.45 39.35 -13.71
C LEU B 110 -4.84 40.33 -12.59
N GLY B 111 -6.12 40.59 -12.42
CA GLY B 111 -6.57 41.69 -11.57
C GLY B 111 -6.23 41.66 -10.08
N GLN B 112 -5.39 40.72 -9.67
CA GLN B 112 -5.11 40.52 -8.25
C GLN B 112 -4.16 41.57 -7.71
N PRO B 113 -4.36 41.95 -6.43
CA PRO B 113 -3.50 42.86 -5.68
C PRO B 113 -2.14 42.27 -5.38
N LYS B 114 -1.10 43.10 -5.41
CA LYS B 114 0.25 42.69 -5.03
C LYS B 114 0.29 42.35 -3.56
N ALA B 115 0.90 41.22 -3.22
CA ALA B 115 1.02 40.80 -1.84
C ALA B 115 2.44 40.36 -1.53
N SER B 116 3.02 40.94 -0.49
CA SER B 116 4.39 40.63 -0.09
C SER B 116 4.44 39.35 0.73
N PRO B 117 5.54 38.60 0.60
CA PRO B 117 5.68 37.32 1.31
C PRO B 117 5.67 37.48 2.82
N THR B 118 5.01 36.58 3.51
CA THR B 118 5.11 36.50 4.95
C THR B 118 6.06 35.36 5.27
N VAL B 119 7.29 35.71 5.64
CA VAL B 119 8.36 34.72 5.77
C VAL B 119 8.51 34.20 7.19
N THR B 120 8.56 32.88 7.32
CA THR B 120 8.70 32.22 8.62
C THR B 120 9.94 31.30 8.63
N LEU B 121 10.82 31.50 9.60
CA LEU B 121 12.04 30.70 9.68
C LEU B 121 12.16 29.93 11.00
N PHE B 122 12.32 28.62 10.91
CA PHE B 122 12.45 27.77 12.09
C PHE B 122 13.86 27.25 12.25
N PRO B 123 14.35 27.24 13.50
CA PRO B 123 15.66 26.67 13.84
C PRO B 123 15.59 25.14 13.85
N PRO B 124 16.74 24.46 14.01
CA PRO B 124 16.66 23.01 14.18
C PRO B 124 15.97 22.65 15.49
N SER B 125 15.26 21.54 15.51
CA SER B 125 14.69 21.03 16.75
C SER B 125 15.79 20.38 17.59
N SER B 126 15.60 20.34 18.90
CA SER B 126 16.57 19.70 19.77
C SER B 126 16.61 18.19 19.52
N GLU B 127 15.46 17.64 19.10
CA GLU B 127 15.37 16.22 18.82
C GLU B 127 16.31 15.85 17.67
N GLU B 128 16.36 16.71 16.66
CA GLU B 128 17.22 16.47 15.49
C GLU B 128 18.69 16.68 15.85
N LEU B 129 18.96 17.62 16.74
CA LEU B 129 20.33 17.92 17.14
C LEU B 129 20.96 16.73 17.88
N GLN B 130 20.12 15.89 18.46
CA GLN B 130 20.59 14.66 19.07
C GLN B 130 21.04 13.68 17.99
N ALA B 131 20.51 13.85 16.79
CA ALA B 131 20.85 12.99 15.68
C ALA B 131 22.02 13.56 14.89
N ASN B 132 22.67 14.59 15.45
CA ASN B 132 23.83 15.23 14.83
C ASN B 132 23.45 15.82 13.48
N LYS B 133 22.23 16.30 13.37
CA LYS B 133 21.76 16.93 12.14
C LYS B 133 21.02 18.22 12.47
N ALA B 134 20.94 19.12 11.50
CA ALA B 134 20.29 20.41 11.71
C ALA B 134 19.67 20.93 10.42
N THR B 135 18.34 21.06 10.39
CA THR B 135 17.65 21.56 9.21
C THR B 135 16.96 22.88 9.50
N LEU B 136 17.35 23.91 8.74
CA LEU B 136 16.71 25.22 8.82
C LEU B 136 15.58 25.31 7.81
N VAL B 137 14.37 25.56 8.32
CA VAL B 137 13.18 25.55 7.47
C VAL B 137 12.63 26.95 7.24
N CYS B 138 12.71 27.42 6.00
CA CYS B 138 12.22 28.74 5.64
C CYS B 138 10.95 28.60 4.82
N LEU B 139 9.82 29.00 5.40
CA LEU B 139 8.54 28.85 4.74
C LEU B 139 8.00 30.20 4.26
N ILE B 140 7.70 30.27 2.98
CA ILE B 140 7.25 31.49 2.34
C ILE B 140 5.85 31.29 1.77
N SER B 141 4.91 32.16 2.15
CA SER B 141 3.55 32.01 1.67
C SER B 141 2.84 33.35 1.43
N ASP B 142 1.67 33.28 0.79
CA ASP B 142 0.79 34.42 0.57
C ASP B 142 1.43 35.56 -0.23
N PHE B 143 2.16 35.23 -1.29
CA PHE B 143 2.76 36.28 -2.10
C PHE B 143 2.25 36.26 -3.54
N TYR B 144 1.93 37.45 -4.05
CA TYR B 144 1.60 37.65 -5.45
C TYR B 144 2.34 38.89 -5.95
N PRO B 145 2.92 38.82 -7.16
CA PRO B 145 2.96 37.66 -8.06
C PRO B 145 3.79 36.49 -7.51
N GLY B 146 3.68 35.34 -8.16
CA GLY B 146 4.30 34.13 -7.65
C GLY B 146 5.74 33.92 -8.06
N VAL B 147 6.55 34.97 -7.92
CA VAL B 147 7.98 34.85 -8.19
C VAL B 147 8.80 35.43 -7.04
N VAL B 148 9.65 34.60 -6.46
CA VAL B 148 10.54 35.04 -5.39
C VAL B 148 11.93 34.44 -5.59
N LYS B 149 12.92 35.02 -4.93
CA LYS B 149 14.25 34.44 -4.92
C LYS B 149 14.69 34.25 -3.47
N VAL B 150 15.34 33.12 -3.20
CA VAL B 150 15.77 32.80 -1.85
C VAL B 150 17.28 32.70 -1.76
N ALA B 151 17.85 33.38 -0.78
CA ALA B 151 19.29 33.30 -0.53
C ALA B 151 19.53 33.08 0.96
N TRP B 152 20.54 32.29 1.28
CA TRP B 152 20.87 32.02 2.68
C TRP B 152 22.17 32.72 3.07
N LYS B 153 22.10 33.50 4.14
CA LYS B 153 23.30 34.12 4.69
C LYS B 153 23.65 33.47 6.03
N ALA B 154 24.92 33.11 6.21
CA ALA B 154 25.40 32.64 7.49
C ALA B 154 26.40 33.66 8.01
N ASP B 155 26.00 34.39 9.05
CA ASP B 155 26.71 35.59 9.49
C ASP B 155 26.77 36.56 8.31
N GLY B 156 27.97 36.86 7.84
CA GLY B 156 28.14 37.76 6.72
C GLY B 156 28.13 37.06 5.37
N SER B 157 28.88 35.97 5.27
CA SER B 157 29.05 35.26 4.01
C SER B 157 27.76 34.63 3.49
N ALA B 158 27.76 34.30 2.21
CA ALA B 158 26.61 33.66 1.57
C ALA B 158 26.69 32.15 1.73
N VAL B 159 25.54 31.49 1.59
CA VAL B 159 25.47 30.04 1.66
C VAL B 159 24.92 29.47 0.36
N ASN B 160 25.56 28.43 -0.15
CA ASN B 160 25.12 27.79 -1.38
C ASN B 160 24.83 26.31 -1.16
N ALA B 161 25.82 25.57 -0.67
CA ALA B 161 25.71 24.14 -0.46
C ALA B 161 24.65 23.82 0.58
N GLY B 162 23.93 22.72 0.37
CA GLY B 162 22.91 22.28 1.30
C GLY B 162 21.65 23.11 1.28
N VAL B 163 21.41 23.82 0.18
CA VAL B 163 20.18 24.58 0.03
C VAL B 163 19.26 23.94 -0.99
N GLU B 164 18.03 23.66 -0.57
CA GLU B 164 17.00 23.13 -1.47
C GLU B 164 15.75 24.00 -1.41
N THR B 165 15.39 24.58 -2.54
CA THR B 165 14.23 25.48 -2.58
C THR B 165 13.18 25.00 -3.58
N THR B 166 11.94 24.90 -3.13
CA THR B 166 10.85 24.48 -3.97
C THR B 166 10.47 25.57 -4.96
N THR B 167 9.83 25.16 -6.04
CA THR B 167 9.25 26.09 -7.00
C THR B 167 8.04 26.74 -6.36
N PRO B 168 7.64 27.92 -6.83
CA PRO B 168 6.42 28.53 -6.29
C PRO B 168 5.19 27.74 -6.69
N SER B 169 4.23 27.60 -5.78
CA SER B 169 3.03 26.83 -6.04
C SER B 169 1.78 27.62 -5.66
N LYS B 170 0.78 27.60 -6.54
CA LYS B 170 -0.47 28.29 -6.29
C LYS B 170 -1.22 27.68 -5.11
N GLN B 171 -1.53 28.51 -4.11
CA GLN B 171 -2.36 28.10 -2.99
C GLN B 171 -3.81 28.06 -3.41
N SER B 172 -4.71 27.88 -2.45
CA SER B 172 -6.13 27.88 -2.75
C SER B 172 -6.63 29.29 -3.05
N ASN B 173 -6.07 30.28 -2.35
CA ASN B 173 -6.48 31.67 -2.51
C ASN B 173 -5.80 32.36 -3.70
N ASN B 174 -5.28 31.55 -4.62
CA ASN B 174 -4.61 32.04 -5.83
C ASN B 174 -3.33 32.83 -5.56
N LYS B 175 -2.96 32.94 -4.29
CA LYS B 175 -1.64 33.44 -3.93
C LYS B 175 -0.65 32.30 -4.06
N TYR B 176 0.63 32.58 -3.88
CA TYR B 176 1.65 31.56 -4.08
C TYR B 176 2.41 31.23 -2.80
N ALA B 177 2.91 30.00 -2.73
CA ALA B 177 3.69 29.55 -1.58
C ALA B 177 4.93 28.82 -2.04
N ALA B 178 5.94 28.79 -1.17
CA ALA B 178 7.18 28.09 -1.46
C ALA B 178 7.92 27.80 -0.18
N SER B 179 8.98 26.99 -0.27
CA SER B 179 9.73 26.59 0.91
C SER B 179 11.18 26.32 0.58
N SER B 180 12.07 26.64 1.52
CA SER B 180 13.49 26.44 1.35
C SER B 180 14.09 25.76 2.57
N TYR B 181 15.01 24.83 2.35
CA TYR B 181 15.63 24.09 3.46
C TYR B 181 17.15 24.19 3.41
N LEU B 182 17.76 24.53 4.53
CA LEU B 182 19.21 24.50 4.66
C LEU B 182 19.61 23.33 5.56
N SER B 183 20.16 22.27 4.95
CA SER B 183 20.48 21.04 5.68
C SER B 183 21.93 21.04 6.18
N LEU B 184 22.10 21.04 7.49
CA LEU B 184 23.42 21.10 8.10
C LEU B 184 23.61 20.01 9.15
N THR B 185 24.86 19.70 9.45
CA THR B 185 25.16 18.87 10.62
C THR B 185 24.94 19.74 11.85
N SER B 186 24.83 19.11 13.01
CA SER B 186 24.58 19.84 14.25
C SER B 186 25.72 20.80 14.55
N ASP B 187 26.93 20.43 14.15
CA ASP B 187 28.10 21.22 14.45
C ASP B 187 28.33 22.33 13.44
N GLN B 188 27.87 22.15 12.21
CA GLN B 188 27.83 23.26 11.25
C GLN B 188 27.01 24.38 11.85
N TRP B 189 25.79 24.02 12.27
CA TRP B 189 24.84 24.94 12.88
C TRP B 189 25.39 25.63 14.13
N LYS B 190 26.00 24.85 15.02
CA LYS B 190 26.53 25.38 16.28
C LYS B 190 27.77 26.24 16.09
N SER B 191 28.41 26.15 14.92
CA SER B 191 29.67 26.82 14.68
C SER B 191 29.52 28.30 14.32
N HIS B 192 28.48 28.62 13.56
CA HIS B 192 28.25 30.00 13.14
C HIS B 192 27.43 30.76 14.19
N LYS B 193 27.36 32.08 14.05
CA LYS B 193 26.67 32.91 15.02
C LYS B 193 25.19 33.06 14.69
N SER B 194 24.88 33.25 13.41
CA SER B 194 23.49 33.44 12.99
C SER B 194 23.28 33.14 11.51
N TYR B 195 22.16 32.48 11.20
CA TYR B 195 21.79 32.17 9.83
C TYR B 195 20.59 33.00 9.40
N SER B 196 20.54 33.37 8.13
CA SER B 196 19.47 34.22 7.63
C SER B 196 18.86 33.69 6.34
N CYS B 197 17.52 33.72 6.27
CA CYS B 197 16.81 33.41 5.04
C CYS B 197 16.31 34.70 4.41
N GLN B 198 16.67 34.94 3.16
CA GLN B 198 16.33 36.20 2.51
C GLN B 198 15.46 36.00 1.26
N VAL B 199 14.19 36.36 1.39
CA VAL B 199 13.25 36.25 0.29
C VAL B 199 13.12 37.58 -0.45
N THR B 200 13.49 37.58 -1.73
CA THR B 200 13.35 38.77 -2.56
C THR B 200 12.10 38.65 -3.42
N HIS B 201 11.22 39.64 -3.32
CA HIS B 201 9.95 39.61 -4.05
C HIS B 201 9.57 41.00 -4.54
N GLU B 202 9.47 41.14 -5.86
CA GLU B 202 9.10 42.41 -6.48
C GLU B 202 9.94 43.57 -5.94
N GLY B 203 11.22 43.56 -6.25
CA GLY B 203 12.12 44.63 -5.85
C GLY B 203 12.63 44.52 -4.43
N SER B 204 11.72 44.56 -3.46
CA SER B 204 12.11 44.60 -2.06
C SER B 204 12.48 43.22 -1.51
N THR B 205 13.67 43.15 -0.91
CA THR B 205 14.12 41.94 -0.23
C THR B 205 13.69 41.99 1.22
N VAL B 206 13.24 40.86 1.75
CA VAL B 206 12.81 40.78 3.14
C VAL B 206 13.56 39.65 3.85
N GLU B 207 13.98 39.90 5.09
CA GLU B 207 14.92 39.03 5.78
C GLU B 207 14.38 38.46 7.10
N LYS B 208 14.72 37.21 7.37
CA LYS B 208 14.41 36.57 8.65
C LYS B 208 15.65 35.82 9.13
N THR B 209 15.87 35.79 10.44
CA THR B 209 17.14 35.29 10.99
C THR B 209 16.95 34.54 12.31
N VAL B 210 17.69 33.44 12.49
CA VAL B 210 17.67 32.70 13.75
C VAL B 210 19.08 32.40 14.27
N ALA B 211 19.17 31.78 15.44
CA ALA B 211 20.45 31.51 16.11
C ALA B 211 20.30 30.46 17.22
N PRO B 212 21.41 29.82 17.62
CA PRO B 212 21.38 28.83 18.71
C PRO B 212 21.08 29.43 20.09
N GLN C 1 13.17 -23.09 -16.72
CA GLN C 1 13.14 -22.69 -15.33
C GLN C 1 11.96 -21.77 -15.01
N VAL C 2 10.95 -22.32 -14.36
CA VAL C 2 9.72 -21.59 -14.09
C VAL C 2 9.74 -20.83 -12.76
N THR C 3 9.51 -19.53 -12.83
CA THR C 3 9.41 -18.70 -11.63
C THR C 3 8.14 -17.85 -11.65
N LEU C 4 7.53 -17.68 -10.49
CA LEU C 4 6.33 -16.85 -10.35
C LEU C 4 6.47 -15.90 -9.16
N LYS C 5 5.79 -14.76 -9.23
CA LYS C 5 5.84 -13.78 -8.15
C LYS C 5 4.52 -13.05 -8.00
N GLU C 6 4.07 -12.91 -6.75
CA GLU C 6 2.83 -12.22 -6.45
C GLU C 6 3.07 -10.73 -6.21
N PHE C 7 2.12 -9.91 -6.61
CA PHE C 7 2.16 -8.47 -6.35
C PHE C 7 0.83 -8.01 -5.75
N GLY C 8 0.88 -7.20 -4.70
CA GLY C 8 -0.32 -6.74 -4.04
C GLY C 8 -0.08 -6.09 -2.69
N PRO C 9 -1.16 -5.60 -2.05
CA PRO C 9 -1.11 -4.86 -0.79
C PRO C 9 -0.93 -5.73 0.45
N ALA C 10 0.08 -5.40 1.25
CA ALA C 10 0.30 -6.08 2.52
C ALA C 10 -0.85 -5.82 3.48
N LEU C 11 -1.42 -4.62 3.41
CA LEU C 11 -2.49 -4.21 4.31
C LEU C 11 -3.75 -3.79 3.56
N VAL C 12 -4.91 -4.28 4.00
CA VAL C 12 -6.18 -3.92 3.39
C VAL C 12 -7.27 -3.71 4.45
N LYS C 13 -7.89 -2.54 4.43
CA LYS C 13 -9.01 -2.27 5.33
C LYS C 13 -10.19 -3.17 4.96
N PRO C 14 -10.98 -3.59 5.98
CA PRO C 14 -12.20 -4.37 5.74
C PRO C 14 -13.15 -3.69 4.75
N THR C 15 -13.92 -4.51 4.04
CA THR C 15 -14.84 -4.11 2.95
C THR C 15 -14.10 -3.77 1.66
N GLN C 16 -12.86 -3.31 1.76
CA GLN C 16 -12.08 -2.96 0.57
C GLN C 16 -11.72 -4.21 -0.25
N PRO C 17 -11.42 -4.03 -1.54
CA PRO C 17 -11.08 -5.17 -2.40
C PRO C 17 -9.60 -5.52 -2.41
N LEU C 18 -9.29 -6.81 -2.54
CA LEU C 18 -7.91 -7.25 -2.67
C LEU C 18 -7.59 -7.58 -4.12
N THR C 19 -6.53 -6.99 -4.65
CA THR C 19 -6.13 -7.31 -6.01
C THR C 19 -4.72 -7.86 -6.03
N LEU C 20 -4.62 -9.13 -6.41
CA LEU C 20 -3.34 -9.82 -6.50
C LEU C 20 -2.91 -9.97 -7.95
N THR C 21 -1.63 -9.73 -8.22
CA THR C 21 -1.09 -9.88 -9.56
C THR C 21 0.01 -10.94 -9.58
N CYS C 22 -0.10 -11.89 -10.50
CA CYS C 22 0.93 -12.90 -10.67
C CYS C 22 1.78 -12.62 -11.90
N SER C 23 3.05 -12.33 -11.68
CA SER C 23 3.99 -12.16 -12.78
C SER C 23 4.88 -13.39 -12.87
N PHE C 24 4.73 -14.15 -13.94
CA PHE C 24 5.45 -15.42 -14.06
C PHE C 24 6.42 -15.42 -15.24
N SER C 25 7.36 -16.35 -15.20
CA SER C 25 8.31 -16.53 -16.29
C SER C 25 8.76 -17.99 -16.37
N GLY C 26 9.40 -18.35 -17.47
CA GLY C 26 9.85 -19.72 -17.67
C GLY C 26 8.85 -20.55 -18.45
N PHE C 27 7.58 -20.16 -18.39
CA PHE C 27 6.53 -20.85 -19.12
C PHE C 27 5.55 -19.85 -19.74
N SER C 28 4.69 -20.33 -20.63
CA SER C 28 3.68 -19.49 -21.24
C SER C 28 2.26 -19.93 -20.85
N LEU C 29 1.36 -18.96 -20.72
CA LEU C 29 -0.03 -19.25 -20.43
C LEU C 29 -0.80 -19.47 -21.73
N ARG C 30 -0.05 -19.58 -22.82
CA ARG C 30 -0.65 -19.90 -24.11
C ARG C 30 -0.68 -21.41 -24.31
N SER C 31 0.21 -22.12 -23.60
CA SER C 31 0.36 -23.56 -23.77
C SER C 31 -0.84 -24.36 -23.30
N SER C 32 -1.22 -25.35 -24.10
CA SER C 32 -2.48 -26.09 -23.92
C SER C 32 -2.49 -27.06 -22.72
N ASP C 33 -1.36 -27.17 -22.03
CA ASP C 33 -1.29 -28.09 -20.91
C ASP C 33 -1.18 -27.37 -19.58
N THR C 34 -1.21 -26.04 -19.60
CA THR C 34 -0.95 -25.26 -18.40
C THR C 34 -2.10 -24.35 -17.96
N ALA C 35 -2.04 -23.93 -16.70
CA ALA C 35 -2.95 -22.95 -16.14
C ALA C 35 -2.25 -22.19 -15.03
N VAL C 36 -2.91 -21.19 -14.46
CA VAL C 36 -2.36 -20.45 -13.34
C VAL C 36 -3.36 -20.40 -12.19
N VAL C 37 -2.93 -20.82 -11.00
CA VAL C 37 -3.84 -20.99 -9.88
C VAL C 37 -3.52 -20.05 -8.73
N TRP C 38 -4.54 -19.63 -8.00
CA TRP C 38 -4.35 -18.82 -6.80
C TRP C 38 -4.69 -19.62 -5.54
N ILE C 39 -3.73 -19.69 -4.63
CA ILE C 39 -3.86 -20.47 -3.41
C ILE C 39 -3.64 -19.56 -2.21
N ARG C 40 -4.45 -19.71 -1.17
CA ARG C 40 -4.21 -18.93 0.04
C ARG C 40 -4.05 -19.84 1.25
N GLN C 41 -3.51 -19.28 2.33
CA GLN C 41 -3.30 -20.03 3.55
C GLN C 41 -3.28 -19.11 4.75
N PRO C 42 -4.39 -19.09 5.51
CA PRO C 42 -4.43 -18.36 6.79
C PRO C 42 -3.32 -18.84 7.71
N PRO C 43 -2.78 -17.94 8.55
CA PRO C 43 -1.70 -18.28 9.48
C PRO C 43 -2.01 -19.49 10.36
N GLY C 44 -1.28 -20.58 10.13
CA GLY C 44 -1.43 -21.78 10.94
C GLY C 44 -2.58 -22.68 10.49
N LYS C 45 -3.05 -22.49 9.27
CA LYS C 45 -4.15 -23.31 8.77
C LYS C 45 -3.84 -23.94 7.41
N ALA C 46 -4.85 -24.59 6.84
CA ALA C 46 -4.66 -25.38 5.63
C ALA C 46 -4.69 -24.54 4.36
N LEU C 47 -4.02 -25.03 3.33
CA LEU C 47 -4.08 -24.42 2.01
C LEU C 47 -5.51 -24.38 1.49
N GLU C 48 -5.80 -23.40 0.65
CA GLU C 48 -7.13 -23.30 0.07
C GLU C 48 -7.07 -22.85 -1.40
N TRP C 49 -7.72 -23.63 -2.26
CA TRP C 49 -7.81 -23.32 -3.68
C TRP C 49 -8.76 -22.15 -3.90
N LEU C 50 -8.24 -21.04 -4.41
CA LEU C 50 -9.08 -19.88 -4.67
C LEU C 50 -9.64 -19.92 -6.10
N ALA C 51 -8.81 -19.55 -7.06
CA ALA C 51 -9.24 -19.56 -8.46
C ALA C 51 -8.09 -19.90 -9.40
N ALA C 52 -8.44 -20.37 -10.60
CA ALA C 52 -7.45 -20.66 -11.63
C ALA C 52 -7.99 -20.35 -13.03
N ILE C 53 -7.12 -19.81 -13.89
CA ILE C 53 -7.50 -19.57 -15.29
C ILE C 53 -6.62 -20.40 -16.22
N TYR C 54 -7.24 -20.91 -17.29
CA TYR C 54 -6.59 -21.86 -18.18
C TYR C 54 -6.22 -21.21 -19.51
N TRP C 55 -5.45 -21.93 -20.32
CA TRP C 55 -4.96 -21.43 -21.59
C TRP C 55 -6.07 -21.02 -22.55
N ASP C 56 -7.20 -21.72 -22.49
CA ASP C 56 -8.32 -21.44 -23.38
C ASP C 56 -9.40 -20.62 -22.66
N ASP C 57 -8.97 -19.77 -21.74
CA ASP C 57 -9.85 -18.84 -21.03
C ASP C 57 -10.93 -19.52 -20.21
N VAL C 58 -10.71 -20.79 -19.87
CA VAL C 58 -11.64 -21.49 -19.00
C VAL C 58 -11.28 -21.20 -17.55
N GLU C 59 -12.28 -20.87 -16.73
CA GLU C 59 -12.06 -20.47 -15.35
C GLU C 59 -12.68 -21.45 -14.35
N HIS C 60 -11.94 -21.78 -13.30
CA HIS C 60 -12.46 -22.59 -12.20
C HIS C 60 -12.36 -21.82 -10.88
N ILE C 61 -13.50 -21.35 -10.38
CA ILE C 61 -13.52 -20.58 -9.14
C ILE C 61 -14.15 -21.36 -7.99
N ASN C 62 -13.49 -21.32 -6.84
CA ASN C 62 -13.99 -21.94 -5.61
C ASN C 62 -15.43 -21.54 -5.33
N PRO C 63 -16.34 -22.53 -5.27
CA PRO C 63 -17.76 -22.30 -5.06
C PRO C 63 -18.05 -21.49 -3.80
N SER C 64 -17.20 -21.63 -2.79
CA SER C 64 -17.36 -20.92 -1.54
C SER C 64 -17.18 -19.41 -1.73
N LEU C 65 -16.34 -19.04 -2.69
CA LEU C 65 -15.98 -17.65 -2.91
C LEU C 65 -16.37 -17.15 -4.29
N LYS C 66 -17.39 -17.78 -4.89
CA LYS C 66 -17.80 -17.45 -6.25
C LYS C 66 -18.28 -16.01 -6.40
N SER C 67 -18.91 -15.48 -5.34
CA SER C 67 -19.50 -14.15 -5.40
C SER C 67 -18.48 -13.05 -5.12
N ARG C 68 -17.26 -13.44 -4.76
CA ARG C 68 -16.25 -12.47 -4.37
C ARG C 68 -15.05 -12.45 -5.33
N LEU C 69 -14.82 -13.56 -6.03
CA LEU C 69 -13.61 -13.69 -6.83
C LEU C 69 -13.76 -13.36 -8.30
N SER C 70 -12.73 -12.74 -8.86
CA SER C 70 -12.60 -12.55 -10.30
C SER C 70 -11.17 -12.78 -10.74
N ILE C 71 -11.01 -13.50 -11.85
CA ILE C 71 -9.70 -13.78 -12.39
C ILE C 71 -9.66 -13.38 -13.87
N SER C 72 -8.50 -12.91 -14.31
CA SER C 72 -8.30 -12.55 -15.70
C SER C 72 -6.84 -12.73 -16.06
N LYS C 73 -6.53 -12.73 -17.34
CA LYS C 73 -5.16 -13.00 -17.76
C LYS C 73 -4.66 -12.04 -18.84
N ASP C 74 -3.37 -11.77 -18.80
CA ASP C 74 -2.69 -11.05 -19.86
C ASP C 74 -1.56 -11.92 -20.37
N SER C 75 -1.92 -12.97 -21.11
CA SER C 75 -0.96 -13.96 -21.57
C SER C 75 0.25 -13.39 -22.33
N PRO C 76 0.02 -12.48 -23.30
CA PRO C 76 1.19 -11.95 -24.00
C PRO C 76 2.15 -11.17 -23.10
N ASN C 77 1.68 -10.72 -21.94
CA ASN C 77 2.54 -10.06 -20.97
C ASN C 77 2.82 -10.93 -19.76
N SER C 78 2.33 -12.17 -19.80
CA SER C 78 2.52 -13.12 -18.71
C SER C 78 2.05 -12.56 -17.37
N LEU C 79 0.78 -12.17 -17.31
CA LEU C 79 0.19 -11.64 -16.10
C LEU C 79 -1.14 -12.31 -15.82
N VAL C 80 -1.36 -12.71 -14.57
CA VAL C 80 -2.67 -13.18 -14.14
C VAL C 80 -3.11 -12.34 -12.93
N VAL C 81 -4.34 -11.86 -12.97
CA VAL C 81 -4.84 -11.00 -11.90
C VAL C 81 -6.01 -11.65 -11.17
N LEU C 82 -5.99 -11.58 -9.84
CA LEU C 82 -7.10 -12.04 -9.04
C LEU C 82 -7.61 -10.92 -8.15
N THR C 83 -8.92 -10.70 -8.17
CA THR C 83 -9.53 -9.74 -7.26
C THR C 83 -10.42 -10.45 -6.26
N MET C 84 -10.59 -9.83 -5.10
CA MET C 84 -11.41 -10.41 -4.05
C MET C 84 -12.14 -9.29 -3.30
N ALA C 85 -13.45 -9.20 -3.53
CA ALA C 85 -14.25 -8.11 -3.01
C ALA C 85 -14.61 -8.29 -1.54
N ASN C 86 -14.84 -7.17 -0.86
CA ASN C 86 -15.23 -7.13 0.55
C ASN C 86 -14.36 -7.99 1.45
N MET C 87 -13.09 -7.61 1.58
CA MET C 87 -12.16 -8.33 2.44
C MET C 87 -12.58 -8.26 3.89
N ASP C 88 -12.25 -9.29 4.64
CA ASP C 88 -12.62 -9.40 6.04
C ASP C 88 -11.41 -9.89 6.82
N PRO C 89 -11.26 -9.47 8.09
CA PRO C 89 -10.17 -9.93 8.94
C PRO C 89 -9.92 -11.44 8.86
N VAL C 90 -10.99 -12.22 8.68
CA VAL C 90 -10.86 -13.66 8.50
C VAL C 90 -10.03 -13.99 7.25
N ASP C 91 -10.03 -13.08 6.28
CA ASP C 91 -9.32 -13.30 5.02
C ASP C 91 -7.82 -12.99 5.10
N THR C 92 -7.32 -12.76 6.31
CA THR C 92 -5.89 -12.58 6.51
C THR C 92 -5.17 -13.88 6.20
N ALA C 93 -4.28 -13.84 5.20
CA ALA C 93 -3.61 -15.05 4.76
C ALA C 93 -2.40 -14.77 3.87
N THR C 94 -1.57 -15.78 3.68
CA THR C 94 -0.53 -15.74 2.67
C THR C 94 -1.16 -16.18 1.35
N TYR C 95 -0.95 -15.42 0.29
CA TYR C 95 -1.52 -15.76 -1.00
C TYR C 95 -0.45 -16.16 -2.02
N TYR C 96 -0.60 -17.33 -2.61
CA TYR C 96 0.34 -17.82 -3.61
C TYR C 96 -0.31 -17.86 -5.00
N CYS C 97 0.48 -17.65 -6.05
CA CYS C 97 0.05 -18.01 -7.38
C CYS C 97 1.01 -19.08 -7.90
N GLY C 98 0.55 -19.90 -8.83
CA GLY C 98 1.36 -21.01 -9.32
C GLY C 98 0.91 -21.53 -10.66
N ARG C 99 1.76 -22.31 -11.31
CA ARG C 99 1.40 -22.93 -12.57
C ARG C 99 0.73 -24.28 -12.37
N VAL C 100 -0.48 -24.40 -12.89
CA VAL C 100 -1.16 -25.67 -12.95
C VAL C 100 -0.81 -26.35 -14.26
N ARG C 101 -0.49 -27.64 -14.20
CA ARG C 101 -0.35 -28.41 -15.44
C ARG C 101 -1.15 -29.70 -15.34
N PHE C 102 -1.77 -30.07 -16.45
CA PHE C 102 -2.62 -31.24 -16.50
C PHE C 102 -2.30 -32.06 -17.74
N VAL C 103 -3.01 -33.16 -17.90
CA VAL C 103 -2.85 -33.95 -19.11
C VAL C 103 -4.18 -34.10 -19.88
N SER C 104 -4.15 -33.64 -21.14
CA SER C 104 -5.26 -33.62 -22.08
C SER C 104 -6.28 -34.74 -21.90
N GLY C 105 -7.52 -34.34 -21.69
CA GLY C 105 -8.59 -35.28 -21.41
C GLY C 105 -8.30 -36.37 -20.39
N GLY C 106 -7.81 -35.98 -19.21
CA GLY C 106 -7.41 -36.94 -18.21
C GLY C 106 -8.27 -36.92 -16.97
N TYR C 107 -9.28 -36.04 -16.98
CA TYR C 107 -10.27 -35.92 -15.91
C TYR C 107 -9.68 -35.30 -14.64
N TYR C 108 -9.58 -33.97 -14.67
CA TYR C 108 -9.13 -33.17 -13.52
C TYR C 108 -7.81 -33.62 -12.92
N THR C 109 -6.78 -33.74 -13.76
CA THR C 109 -5.49 -34.25 -13.32
C THR C 109 -4.54 -33.13 -12.90
N ASP C 110 -5.11 -31.94 -12.72
CA ASP C 110 -4.32 -30.74 -12.47
C ASP C 110 -3.38 -30.88 -11.28
N ARG C 111 -2.14 -30.47 -11.49
CA ARG C 111 -1.14 -30.42 -10.42
C ARG C 111 -0.56 -29.02 -10.35
N ILE C 112 -0.16 -28.60 -9.15
CA ILE C 112 0.49 -27.31 -8.97
C ILE C 112 2.00 -27.53 -8.81
N ASP C 113 2.73 -27.54 -9.91
CA ASP C 113 4.14 -27.94 -9.87
C ASP C 113 5.09 -26.78 -9.52
N SER C 114 4.72 -25.56 -9.87
CA SER C 114 5.56 -24.40 -9.57
C SER C 114 4.78 -23.36 -8.77
N TRP C 115 5.39 -22.84 -7.71
CA TRP C 115 4.71 -21.91 -6.81
C TRP C 115 5.44 -20.58 -6.68
N GLY C 116 4.67 -19.50 -6.54
CA GLY C 116 5.25 -18.22 -6.15
C GLY C 116 5.71 -18.30 -4.70
N PRO C 117 6.49 -17.31 -4.25
CA PRO C 117 6.98 -17.32 -2.86
C PRO C 117 5.85 -17.08 -1.85
N GLY C 118 4.76 -16.47 -2.31
CA GLY C 118 3.63 -16.17 -1.44
C GLY C 118 3.67 -14.76 -0.87
N LEU C 119 2.53 -14.09 -0.88
CA LEU C 119 2.43 -12.74 -0.35
C LEU C 119 1.44 -12.68 0.80
N LEU C 120 1.93 -12.36 2.00
CA LEU C 120 1.07 -12.19 3.15
C LEU C 120 0.22 -10.93 3.01
N VAL C 121 -1.11 -11.12 2.99
CA VAL C 121 -2.04 -10.00 2.97
C VAL C 121 -2.79 -9.92 4.29
N THR C 122 -2.63 -8.81 4.98
CA THR C 122 -3.24 -8.62 6.30
C THR C 122 -4.45 -7.69 6.18
N VAL C 123 -5.53 -8.05 6.87
CA VAL C 123 -6.74 -7.24 6.86
C VAL C 123 -7.07 -6.75 8.27
N SER C 124 -7.17 -5.44 8.45
CA SER C 124 -7.43 -4.86 9.77
C SER C 124 -8.00 -3.44 9.71
N SER C 125 -8.94 -3.15 10.61
CA SER C 125 -9.51 -1.82 10.73
C SER C 125 -8.54 -0.88 11.44
N ALA C 126 -7.66 -1.48 12.23
CA ALA C 126 -6.72 -0.74 13.07
C ALA C 126 -5.90 0.28 12.30
N SER C 127 -5.63 1.40 12.94
CA SER C 127 -4.68 2.37 12.42
C SER C 127 -3.35 2.17 13.13
N THR C 128 -2.28 2.72 12.58
CA THR C 128 -0.95 2.54 13.14
C THR C 128 -0.85 3.12 14.55
N LYS C 129 -0.52 2.27 15.51
CA LYS C 129 -0.45 2.67 16.91
C LYS C 129 0.81 2.16 17.60
N GLY C 130 1.43 3.01 18.41
CA GLY C 130 2.57 2.60 19.21
C GLY C 130 2.17 1.62 20.29
N PRO C 131 3.13 0.86 20.80
CA PRO C 131 2.88 -0.11 21.87
C PRO C 131 2.92 0.53 23.25
N SER C 132 2.27 -0.11 24.21
CA SER C 132 2.41 0.29 25.60
C SER C 132 3.16 -0.83 26.33
N VAL C 133 4.25 -0.48 27.00
CA VAL C 133 5.13 -1.49 27.59
C VAL C 133 4.96 -1.57 29.11
N PHE C 134 5.06 -2.78 29.63
CA PHE C 134 4.91 -3.03 31.06
C PHE C 134 5.96 -4.01 31.54
N PRO C 135 6.44 -3.81 32.78
CA PRO C 135 7.44 -4.70 33.39
C PRO C 135 6.92 -6.12 33.59
N LEU C 136 7.82 -7.09 33.64
CA LEU C 136 7.49 -8.49 33.89
C LEU C 136 6.42 -9.01 32.93
N LEU C 150 11.56 -13.07 33.54
CA LEU C 150 11.62 -11.63 33.75
C LEU C 150 11.75 -10.89 32.42
N GLY C 151 10.77 -10.05 32.11
CA GLY C 151 10.78 -9.34 30.85
C GLY C 151 9.85 -8.15 30.72
N CYS C 152 9.39 -7.90 29.49
CA CYS C 152 8.50 -6.79 29.20
C CYS C 152 7.26 -7.24 28.42
N LEU C 153 6.11 -6.68 28.77
CA LEU C 153 4.89 -6.93 28.00
C LEU C 153 4.65 -5.81 27.01
N VAL C 154 4.83 -6.10 25.73
CA VAL C 154 4.62 -5.13 24.66
C VAL C 154 3.18 -5.23 24.17
N LYS C 155 2.29 -4.46 24.79
CA LYS C 155 0.85 -4.64 24.59
C LYS C 155 0.22 -3.69 23.56
N ASP C 156 -0.62 -4.26 22.69
CA ASP C 156 -1.46 -3.49 21.78
C ASP C 156 -0.71 -2.53 20.86
N TYR C 157 -0.12 -3.07 19.80
CA TYR C 157 0.51 -2.25 18.77
C TYR C 157 0.03 -2.68 17.38
N PHE C 158 0.13 -1.76 16.42
CA PHE C 158 -0.22 -2.07 15.04
C PHE C 158 0.50 -1.08 14.12
N PRO C 159 1.05 -1.58 13.01
CA PRO C 159 1.09 -3.00 12.66
C PRO C 159 2.36 -3.68 13.15
N GLU C 160 2.65 -4.85 12.60
CA GLU C 160 3.90 -5.54 12.87
C GLU C 160 5.06 -4.80 12.21
N PRO C 161 6.28 -4.98 12.74
CA PRO C 161 6.59 -5.64 14.01
C PRO C 161 7.22 -4.68 15.01
N VAL C 162 7.56 -5.18 16.19
CA VAL C 162 8.36 -4.41 17.14
C VAL C 162 9.66 -5.15 17.42
N THR C 163 10.71 -4.40 17.71
CA THR C 163 12.00 -4.98 18.02
C THR C 163 12.34 -4.80 19.49
N VAL C 164 12.67 -5.90 20.16
CA VAL C 164 13.05 -5.83 21.56
C VAL C 164 14.50 -6.27 21.77
N SER C 165 15.30 -5.38 22.33
CA SER C 165 16.61 -5.75 22.80
C SER C 165 16.67 -5.47 24.31
N TRP C 166 17.74 -5.92 24.96
CA TRP C 166 17.85 -5.73 26.40
C TRP C 166 19.13 -5.00 26.77
N ASN C 167 19.01 -4.00 27.64
CA ASN C 167 20.13 -3.17 28.07
C ASN C 167 20.94 -2.64 26.90
N SER C 168 20.26 -1.94 25.99
CA SER C 168 20.89 -1.36 24.80
C SER C 168 21.54 -2.42 23.92
N GLY C 169 21.06 -3.66 24.03
CA GLY C 169 21.53 -4.75 23.19
C GLY C 169 22.71 -5.54 23.75
N SER C 170 23.15 -5.19 24.95
CA SER C 170 24.29 -5.84 25.58
C SER C 170 23.94 -7.25 26.08
N LEU C 171 22.69 -7.45 26.49
CA LEU C 171 22.25 -8.74 26.99
C LEU C 171 21.53 -9.54 25.91
N THR C 172 22.13 -10.66 25.51
CA THR C 172 21.57 -11.51 24.47
C THR C 172 21.57 -12.99 24.89
N SER C 173 22.20 -13.27 26.01
CA SER C 173 22.43 -14.66 26.44
C SER C 173 21.14 -15.44 26.71
N GLY C 174 20.34 -14.98 27.66
CA GLY C 174 19.14 -15.71 28.05
C GLY C 174 17.83 -15.17 27.50
N VAL C 175 17.92 -14.37 26.45
CA VAL C 175 16.76 -13.67 25.91
C VAL C 175 15.95 -14.53 24.94
N HIS C 176 14.63 -14.47 25.07
CA HIS C 176 13.73 -15.03 24.06
C HIS C 176 12.55 -14.07 23.84
N THR C 177 12.39 -13.62 22.61
CA THR C 177 11.27 -12.76 22.25
C THR C 177 10.22 -13.60 21.55
N PHE C 178 9.00 -13.57 22.08
CA PHE C 178 7.92 -14.45 21.60
C PHE C 178 7.18 -13.91 20.39
N PRO C 179 6.51 -14.79 19.64
CA PRO C 179 5.59 -14.36 18.58
C PRO C 179 4.39 -13.63 19.18
N ALA C 180 3.82 -12.69 18.43
CA ALA C 180 2.79 -11.80 18.97
C ALA C 180 1.38 -12.34 18.76
N VAL C 181 0.57 -12.26 19.82
CA VAL C 181 -0.84 -12.62 19.74
C VAL C 181 -1.65 -11.51 19.07
N LEU C 182 -2.83 -11.85 18.60
CA LEU C 182 -3.73 -10.90 17.96
C LEU C 182 -5.00 -10.77 18.78
N GLN C 183 -5.18 -9.63 19.44
CA GLN C 183 -6.37 -9.43 20.27
C GLN C 183 -7.65 -9.32 19.44
N SER C 184 -8.78 -9.19 20.12
CA SER C 184 -10.07 -9.00 19.46
C SER C 184 -10.23 -7.57 18.96
N SER C 185 -9.17 -6.78 19.13
CA SER C 185 -9.19 -5.37 18.76
C SER C 185 -8.42 -5.12 17.46
N GLY C 186 -7.68 -6.12 17.01
CA GLY C 186 -6.85 -6.00 15.82
C GLY C 186 -5.44 -5.57 16.14
N LEU C 187 -5.13 -5.49 17.44
CA LEU C 187 -3.81 -5.05 17.88
C LEU C 187 -2.94 -6.20 18.37
N TYR C 188 -1.66 -6.17 18.00
CA TYR C 188 -0.72 -7.23 18.37
C TYR C 188 -0.14 -7.00 19.76
N SER C 189 0.32 -8.07 20.39
CA SER C 189 0.97 -7.98 21.68
C SER C 189 1.95 -9.13 21.85
N LEU C 190 3.19 -8.81 22.23
CA LEU C 190 4.18 -9.84 22.48
C LEU C 190 4.90 -9.60 23.79
N SER C 191 5.68 -10.59 24.20
CA SER C 191 6.48 -10.49 25.42
C SER C 191 7.87 -11.02 25.16
N SER C 192 8.85 -10.43 25.84
CA SER C 192 10.23 -10.90 25.73
C SER C 192 10.73 -11.31 27.09
N VAL C 193 11.37 -12.48 27.16
CA VAL C 193 11.86 -12.99 28.45
C VAL C 193 13.37 -13.11 28.48
N VAL C 194 13.93 -13.00 29.69
CA VAL C 194 15.35 -13.26 29.91
C VAL C 194 15.54 -14.11 31.15
N THR C 195 16.15 -15.29 30.98
CA THR C 195 16.52 -16.11 32.13
C THR C 195 17.93 -15.76 32.58
N VAL C 196 18.03 -15.04 33.69
CA VAL C 196 19.31 -14.58 34.20
C VAL C 196 19.61 -15.17 35.58
N PRO C 197 20.91 -15.37 35.87
CA PRO C 197 21.42 -15.83 37.17
C PRO C 197 20.75 -15.12 38.35
N SER C 198 20.43 -15.87 39.39
CA SER C 198 19.72 -15.34 40.55
C SER C 198 20.58 -14.37 41.36
N SER C 199 21.89 -14.53 41.27
CA SER C 199 22.82 -13.71 42.05
C SER C 199 22.90 -12.27 41.52
N SER C 200 22.81 -12.12 40.20
CA SER C 200 22.97 -10.82 39.57
C SER C 200 21.69 -9.98 39.65
N LEU C 201 20.64 -10.53 40.24
CA LEU C 201 19.35 -9.85 40.32
C LEU C 201 19.44 -8.56 41.15
N GLY C 202 20.09 -8.65 42.30
CA GLY C 202 20.18 -7.52 43.20
C GLY C 202 21.02 -6.37 42.67
N THR C 203 22.22 -6.68 42.21
CA THR C 203 23.19 -5.67 41.82
C THR C 203 22.99 -5.12 40.41
N GLN C 204 22.63 -6.01 39.47
CA GLN C 204 22.48 -5.61 38.07
C GLN C 204 21.06 -5.13 37.76
N THR C 205 20.96 -4.13 36.89
CA THR C 205 19.67 -3.61 36.46
C THR C 205 19.32 -4.10 35.05
N TYR C 206 18.04 -4.15 34.74
CA TYR C 206 17.58 -4.67 33.46
C TYR C 206 16.55 -3.76 32.80
N VAL C 207 16.84 -3.34 31.57
CA VAL C 207 15.94 -2.46 30.83
C VAL C 207 15.67 -3.00 29.43
N CYS C 208 14.40 -3.11 29.07
CA CYS C 208 14.02 -3.58 27.75
C CYS C 208 13.96 -2.41 26.77
N ASN C 209 14.53 -2.61 25.59
CA ASN C 209 14.56 -1.56 24.56
C ASN C 209 13.53 -1.83 23.47
N VAL C 210 12.34 -1.27 23.65
CA VAL C 210 11.25 -1.49 22.71
C VAL C 210 11.21 -0.40 21.65
N ASN C 211 11.34 -0.81 20.39
CA ASN C 211 11.20 0.12 19.27
C ASN C 211 10.04 -0.31 18.37
N HIS C 212 9.37 0.68 17.79
CA HIS C 212 8.25 0.42 16.88
C HIS C 212 8.28 1.45 15.75
N LYS C 213 9.02 1.13 14.69
CA LYS C 213 9.28 2.05 13.59
C LYS C 213 8.06 2.76 12.98
N PRO C 214 6.95 2.03 12.71
CA PRO C 214 5.83 2.69 12.02
C PRO C 214 5.26 3.92 12.74
N SER C 215 5.54 4.07 14.03
CA SER C 215 5.06 5.22 14.77
C SER C 215 6.21 5.93 15.49
N ASN C 216 7.44 5.64 15.07
CA ASN C 216 8.65 6.18 15.70
C ASN C 216 8.60 6.08 17.21
N THR C 217 8.20 4.91 17.70
CA THR C 217 8.02 4.69 19.13
C THR C 217 9.18 3.94 19.74
N LYS C 218 10.07 4.68 20.40
CA LYS C 218 11.16 4.06 21.15
C LYS C 218 10.84 4.18 22.64
N VAL C 219 10.72 3.03 23.32
CA VAL C 219 10.43 3.04 24.75
C VAL C 219 11.36 2.12 25.53
N ASP C 220 12.01 2.68 26.54
CA ASP C 220 12.82 1.90 27.47
C ASP C 220 12.04 1.73 28.78
N LYS C 221 12.15 0.57 29.40
CA LYS C 221 11.40 0.29 30.61
C LYS C 221 12.21 -0.51 31.62
N ARG C 222 12.30 -0.01 32.85
CA ARG C 222 12.96 -0.72 33.93
C ARG C 222 12.03 -1.81 34.49
N VAL C 223 12.61 -2.83 35.11
CA VAL C 223 11.83 -3.91 35.71
C VAL C 223 12.20 -4.08 37.18
N VAL D 3 -14.34 -31.87 3.36
CA VAL D 3 -14.78 -33.26 3.33
C VAL D 3 -13.57 -34.20 3.19
N LEU D 4 -12.42 -33.62 2.86
CA LEU D 4 -11.18 -34.38 2.72
C LEU D 4 -10.35 -34.27 4.01
N THR D 5 -10.11 -35.40 4.66
CA THR D 5 -9.57 -35.41 6.02
C THR D 5 -8.21 -36.08 6.19
N GLN D 6 -7.34 -35.44 6.98
CA GLN D 6 -6.01 -35.96 7.29
C GLN D 6 -5.81 -36.02 8.81
N PRO D 7 -4.78 -36.75 9.27
CA PRO D 7 -4.39 -36.67 10.68
C PRO D 7 -3.51 -35.44 10.94
N PRO D 8 -3.71 -34.77 12.09
CA PRO D 8 -2.94 -33.57 12.42
C PRO D 8 -1.43 -33.80 12.43
N SER D 9 -0.97 -34.79 13.18
CA SER D 9 0.47 -35.03 13.32
C SER D 9 0.85 -36.50 13.18
N VAL D 10 1.99 -36.74 12.53
CA VAL D 10 2.55 -38.08 12.40
C VAL D 10 3.97 -38.08 12.98
N SER D 11 4.30 -39.11 13.74
CA SER D 11 5.59 -39.19 14.41
C SER D 11 6.48 -40.27 13.79
N GLY D 12 7.79 -40.08 13.90
CA GLY D 12 8.75 -41.05 13.39
C GLY D 12 10.20 -40.75 13.74
N ALA D 13 10.99 -41.81 13.91
CA ALA D 13 12.41 -41.68 14.19
C ALA D 13 13.22 -41.71 12.89
N PRO D 14 14.37 -41.00 12.87
CA PRO D 14 15.18 -40.95 11.64
C PRO D 14 15.67 -42.31 11.18
N GLY D 15 15.29 -42.72 9.98
CA GLY D 15 15.70 -43.99 9.43
C GLY D 15 14.54 -44.95 9.18
N GLN D 16 13.41 -44.68 9.81
CA GLN D 16 12.25 -45.55 9.68
C GLN D 16 11.30 -45.09 8.57
N ARG D 17 10.15 -45.75 8.46
CA ARG D 17 9.16 -45.41 7.46
C ARG D 17 7.89 -44.85 8.10
N VAL D 18 7.49 -43.66 7.69
CA VAL D 18 6.27 -43.03 8.18
C VAL D 18 5.28 -42.83 7.03
N THR D 19 3.99 -42.81 7.37
CA THR D 19 2.94 -42.67 6.36
C THR D 19 1.99 -41.54 6.70
N ILE D 20 1.49 -40.86 5.66
CA ILE D 20 0.48 -39.84 5.81
C ILE D 20 -0.74 -40.23 4.97
N SER D 21 -1.94 -39.92 5.46
CA SER D 21 -3.16 -40.46 4.86
C SER D 21 -4.21 -39.40 4.49
N CYS D 22 -5.00 -39.69 3.46
CA CYS D 22 -6.13 -38.85 3.04
C CYS D 22 -7.42 -39.66 2.98
N ALA D 23 -8.49 -39.12 3.58
CA ALA D 23 -9.77 -39.82 3.60
C ALA D 23 -10.92 -38.92 3.17
N GLY D 24 -11.90 -39.49 2.48
CA GLY D 24 -13.04 -38.73 1.99
C GLY D 24 -13.97 -39.49 1.07
N THR D 25 -14.96 -38.77 0.52
CA THR D 25 -16.00 -39.35 -0.31
C THR D 25 -15.44 -39.95 -1.61
N LYS D 26 -16.27 -40.74 -2.29
CA LYS D 26 -15.91 -41.25 -3.61
C LYS D 26 -15.80 -40.12 -4.60
N SER D 27 -16.58 -39.06 -4.36
CA SER D 27 -16.70 -37.94 -5.28
C SER D 27 -15.38 -37.21 -5.51
N ASN D 28 -14.42 -37.40 -4.61
CA ASN D 28 -13.11 -36.77 -4.78
C ASN D 28 -11.99 -37.78 -5.02
N ILE D 29 -11.70 -38.60 -4.01
CA ILE D 29 -10.59 -39.53 -4.08
C ILE D 29 -10.81 -40.65 -5.09
N GLY D 30 -11.97 -41.30 -5.00
CA GLY D 30 -12.28 -42.43 -5.85
C GLY D 30 -12.23 -42.12 -7.33
N ASP D 31 -12.91 -41.05 -7.73
CA ASP D 31 -13.04 -40.70 -9.14
C ASP D 31 -11.88 -39.84 -9.66
N CYS D 32 -11.48 -38.84 -8.89
CA CYS D 32 -10.51 -37.85 -9.37
C CYS D 32 -9.07 -38.14 -8.95
N SER D 33 -8.14 -37.34 -9.47
CA SER D 33 -6.71 -37.55 -9.25
C SER D 33 -6.21 -36.80 -8.02
N VAL D 34 -5.24 -37.39 -7.31
CA VAL D 34 -4.74 -36.87 -6.05
C VAL D 34 -3.29 -36.38 -6.15
N SER D 35 -3.01 -35.25 -5.50
CA SER D 35 -1.67 -34.68 -5.49
C SER D 35 -1.22 -34.32 -4.07
N TRP D 36 0.07 -34.50 -3.80
CA TRP D 36 0.61 -34.27 -2.47
C TRP D 36 1.56 -33.08 -2.46
N TYR D 37 1.58 -32.34 -1.36
CA TYR D 37 2.43 -31.16 -1.27
C TYR D 37 3.13 -31.06 0.08
N GLN D 38 4.42 -30.72 0.04
CA GLN D 38 5.23 -30.57 1.24
C GLN D 38 5.52 -29.10 1.53
N GLN D 39 5.29 -28.70 2.77
CA GLN D 39 5.56 -27.32 3.17
C GLN D 39 6.45 -27.30 4.41
N LEU D 40 7.73 -27.02 4.21
CA LEU D 40 8.64 -26.81 5.32
C LEU D 40 8.15 -25.65 6.18
N PRO D 41 8.43 -25.70 7.49
CA PRO D 41 7.95 -24.66 8.41
C PRO D 41 8.34 -23.25 7.96
N GLY D 42 7.33 -22.41 7.74
CA GLY D 42 7.56 -21.03 7.33
C GLY D 42 8.04 -20.88 5.90
N ALA D 43 7.83 -21.91 5.09
CA ALA D 43 8.30 -21.91 3.71
C ALA D 43 7.16 -22.07 2.71
N THR D 44 7.53 -22.27 1.45
CA THR D 44 6.58 -22.35 0.35
C THR D 44 6.24 -23.79 0.00
N PRO D 45 4.93 -24.08 -0.20
CA PRO D 45 4.46 -25.40 -0.66
C PRO D 45 5.17 -25.89 -1.92
N ARG D 46 5.46 -27.17 -1.96
CA ARG D 46 6.21 -27.78 -3.07
C ARG D 46 5.55 -29.09 -3.51
N LEU D 47 5.42 -29.28 -4.83
CA LEU D 47 4.80 -30.51 -5.34
C LEU D 47 5.67 -31.73 -5.08
N LEU D 48 5.08 -32.72 -4.42
CA LEU D 48 5.78 -33.94 -4.02
C LEU D 48 5.33 -35.12 -4.88
N ILE D 49 4.02 -35.33 -4.93
CA ILE D 49 3.42 -36.40 -5.74
C ILE D 49 2.26 -35.87 -6.56
N TYR D 50 2.24 -36.19 -7.85
CA TYR D 50 1.11 -35.82 -8.69
C TYR D 50 0.55 -37.06 -9.37
N GLN D 51 -0.74 -37.00 -9.73
CA GLN D 51 -1.45 -38.14 -10.32
C GLN D 51 -1.21 -39.43 -9.53
N ASN D 52 -1.38 -39.35 -8.22
CA ASN D 52 -1.33 -40.48 -7.31
C ASN D 52 0.05 -41.14 -7.15
N ASN D 53 0.77 -41.34 -8.25
CA ASN D 53 1.98 -42.15 -8.22
C ASN D 53 3.29 -41.42 -8.53
N ASN D 54 3.23 -40.42 -9.41
CA ASN D 54 4.43 -39.89 -10.05
C ASN D 54 5.23 -38.88 -9.24
N ARG D 55 6.54 -38.91 -9.44
CA ARG D 55 7.46 -37.94 -8.83
C ARG D 55 8.12 -37.06 -9.90
N PRO D 56 8.13 -35.74 -9.67
CA PRO D 56 8.88 -34.82 -10.54
C PRO D 56 10.37 -35.12 -10.54
N SER D 57 11.11 -34.56 -11.48
CA SER D 57 12.51 -34.92 -11.70
C SER D 57 13.45 -34.47 -10.58
N GLY D 58 12.90 -33.82 -9.56
CA GLY D 58 13.71 -33.32 -8.46
C GLY D 58 13.22 -33.76 -7.08
N VAL D 59 12.51 -34.88 -7.03
CA VAL D 59 12.00 -35.40 -5.77
C VAL D 59 12.61 -36.75 -5.45
N SER D 60 13.16 -36.87 -4.23
CA SER D 60 13.82 -38.10 -3.78
C SER D 60 12.91 -39.32 -3.86
N ASP D 61 13.51 -40.48 -4.08
CA ASP D 61 12.76 -41.73 -4.16
C ASP D 61 12.29 -42.21 -2.78
N ARG D 62 12.69 -41.48 -1.75
CA ARG D 62 12.24 -41.75 -0.39
C ARG D 62 10.73 -41.48 -0.25
N PHE D 63 10.21 -40.66 -1.15
CA PHE D 63 8.79 -40.34 -1.18
C PHE D 63 8.04 -41.16 -2.21
N SER D 64 6.80 -41.50 -1.91
CA SER D 64 5.96 -42.27 -2.83
C SER D 64 4.48 -42.14 -2.46
N GLY D 65 3.62 -42.04 -3.47
CA GLY D 65 2.19 -41.94 -3.25
C GLY D 65 1.44 -43.17 -3.75
N SER D 66 0.28 -43.42 -3.14
CA SER D 66 -0.57 -44.54 -3.53
C SER D 66 -2.04 -44.24 -3.24
N LYS D 67 -2.94 -44.92 -3.93
CA LYS D 67 -4.36 -44.74 -3.70
C LYS D 67 -5.10 -46.07 -3.72
N SER D 68 -5.66 -46.45 -2.58
CA SER D 68 -6.43 -47.69 -2.50
C SER D 68 -7.89 -47.41 -2.17
N GLY D 69 -8.72 -47.39 -3.19
CA GLY D 69 -10.14 -47.17 -3.01
C GLY D 69 -10.47 -45.71 -2.80
N THR D 70 -11.02 -45.41 -1.62
CA THR D 70 -11.42 -44.05 -1.29
C THR D 70 -10.40 -43.37 -0.37
N SER D 71 -9.14 -43.79 -0.47
CA SER D 71 -8.07 -43.26 0.38
C SER D 71 -6.73 -43.19 -0.36
N ALA D 72 -5.93 -42.20 0.01
CA ALA D 72 -4.60 -42.02 -0.58
C ALA D 72 -3.54 -41.94 0.51
N SER D 73 -2.30 -42.30 0.19
CA SER D 73 -1.24 -42.34 1.19
C SER D 73 0.10 -41.83 0.69
N LEU D 74 0.87 -41.25 1.61
CA LEU D 74 2.21 -40.73 1.31
C LEU D 74 3.24 -41.36 2.24
N ALA D 75 4.11 -42.20 1.67
CA ALA D 75 5.09 -42.94 2.47
C ALA D 75 6.48 -42.30 2.39
N ILE D 76 7.12 -42.15 3.54
CA ILE D 76 8.47 -41.61 3.61
C ILE D 76 9.41 -42.60 4.27
N THR D 77 10.46 -42.98 3.55
CA THR D 77 11.44 -43.93 4.06
C THR D 77 12.79 -43.26 4.27
N GLY D 78 13.58 -43.78 5.21
CA GLY D 78 14.85 -43.17 5.55
C GLY D 78 14.62 -41.74 6.02
N LEU D 79 13.71 -41.60 6.98
CA LEU D 79 13.28 -40.29 7.47
C LEU D 79 14.45 -39.47 7.96
N GLN D 80 14.41 -38.17 7.69
CA GLN D 80 15.47 -37.25 8.11
C GLN D 80 14.88 -35.99 8.72
N THR D 81 15.67 -35.32 9.55
CA THR D 81 15.24 -34.10 10.23
C THR D 81 14.86 -32.98 9.27
N GLU D 82 15.32 -33.10 8.02
CA GLU D 82 14.93 -32.14 6.99
C GLU D 82 13.50 -32.38 6.54
N ASP D 83 13.06 -33.64 6.60
CA ASP D 83 11.72 -34.01 6.15
C ASP D 83 10.64 -33.49 7.08
N GLU D 84 11.06 -32.95 8.22
CA GLU D 84 10.13 -32.34 9.17
C GLU D 84 9.44 -31.15 8.53
N ALA D 85 8.14 -31.29 8.26
CA ALA D 85 7.38 -30.26 7.56
C ALA D 85 5.87 -30.48 7.66
N ASP D 86 5.11 -29.62 6.98
CA ASP D 86 3.67 -29.78 6.83
C ASP D 86 3.38 -30.54 5.55
N TYR D 87 2.30 -31.33 5.54
CA TYR D 87 1.96 -32.11 4.36
C TYR D 87 0.46 -32.04 4.04
N PHE D 88 0.15 -31.60 2.83
CA PHE D 88 -1.23 -31.42 2.38
C PHE D 88 -1.52 -32.28 1.16
N CYS D 89 -2.77 -32.71 1.01
CA CYS D 89 -3.19 -33.46 -0.16
C CYS D 89 -4.24 -32.69 -0.95
N LEU D 90 -4.25 -32.89 -2.27
CA LEU D 90 -5.16 -32.16 -3.14
C LEU D 90 -5.92 -33.09 -4.06
N SER D 91 -7.19 -32.78 -4.31
CA SER D 91 -8.02 -33.54 -5.22
C SER D 91 -9.26 -32.77 -5.58
N TYR D 92 -9.75 -32.94 -6.81
CA TYR D 92 -10.98 -32.30 -7.23
C TYR D 92 -12.18 -33.01 -6.60
N ASP D 93 -13.30 -32.33 -6.51
CA ASP D 93 -14.52 -32.89 -5.93
C ASP D 93 -15.70 -32.58 -6.86
N THR D 94 -16.32 -33.62 -7.40
CA THR D 94 -17.41 -33.44 -8.36
C THR D 94 -18.70 -33.00 -7.67
N SER D 95 -18.87 -33.39 -6.41
CA SER D 95 -20.05 -33.01 -5.64
C SER D 95 -19.95 -31.56 -5.20
N PHE D 96 -18.75 -31.17 -4.77
CA PHE D 96 -18.48 -29.80 -4.37
C PHE D 96 -18.29 -28.90 -5.59
N SER D 97 -17.96 -29.52 -6.72
CA SER D 97 -17.68 -28.82 -7.97
C SER D 97 -16.55 -27.81 -7.81
N GLY D 98 -15.49 -28.26 -7.13
CA GLY D 98 -14.32 -27.44 -6.88
C GLY D 98 -13.21 -28.28 -6.28
N TRP D 99 -12.08 -27.63 -5.96
CA TRP D 99 -10.94 -28.35 -5.42
C TRP D 99 -10.91 -28.32 -3.90
N ARG D 100 -10.50 -29.44 -3.32
CA ARG D 100 -10.43 -29.57 -1.87
C ARG D 100 -9.01 -29.90 -1.43
N PHE D 101 -8.52 -29.15 -0.44
CA PHE D 101 -7.23 -29.42 0.17
C PHE D 101 -7.44 -30.15 1.50
N GLY D 102 -6.64 -31.18 1.74
CA GLY D 102 -6.68 -31.89 3.01
C GLY D 102 -6.35 -30.95 4.14
N GLY D 103 -6.79 -31.30 5.35
CA GLY D 103 -6.58 -30.45 6.51
C GLY D 103 -5.12 -30.16 6.83
N GLY D 104 -4.24 -31.06 6.39
CA GLY D 104 -2.82 -30.90 6.61
C GLY D 104 -2.27 -31.83 7.68
N THR D 105 -0.99 -32.17 7.54
CA THR D 105 -0.33 -33.04 8.51
C THR D 105 1.08 -32.54 8.83
N ARG D 106 1.33 -32.23 10.09
CA ARG D 106 2.66 -31.82 10.53
C ARG D 106 3.51 -33.04 10.89
N LEU D 107 4.45 -33.40 10.03
CA LEU D 107 5.36 -34.49 10.31
C LEU D 107 6.42 -34.05 11.30
N THR D 108 6.61 -34.83 12.34
CA THR D 108 7.64 -34.54 13.31
C THR D 108 8.70 -35.63 13.45
N VAL D 109 9.95 -35.22 13.60
CA VAL D 109 11.08 -36.12 13.65
C VAL D 109 11.90 -36.04 14.96
N PRO D 113 14.12 -36.34 22.04
CA PRO D 113 14.79 -36.07 23.31
C PRO D 113 13.85 -35.36 24.25
N LYS D 114 12.83 -36.04 24.73
CA LYS D 114 11.77 -35.42 25.51
C LYS D 114 12.24 -34.38 26.51
N ALA D 115 11.35 -33.45 26.82
CA ALA D 115 11.67 -32.37 27.76
C ALA D 115 10.42 -31.59 28.17
N SER D 116 10.09 -31.64 29.46
CA SER D 116 8.89 -30.97 29.98
C SER D 116 9.04 -29.45 29.99
N PRO D 117 7.91 -28.74 29.86
CA PRO D 117 7.93 -27.27 29.79
C PRO D 117 8.20 -26.59 31.14
N THR D 118 8.92 -25.47 31.10
CA THR D 118 9.19 -24.69 32.30
C THR D 118 8.30 -23.45 32.34
N VAL D 119 7.21 -23.54 33.08
CA VAL D 119 6.19 -22.48 33.10
C VAL D 119 6.55 -21.33 34.04
N THR D 120 6.39 -20.11 33.55
CA THR D 120 6.57 -18.91 34.36
C THR D 120 5.27 -18.09 34.36
N LEU D 121 4.90 -17.54 35.52
CA LEU D 121 3.66 -16.79 35.64
C LEU D 121 3.90 -15.36 36.13
N PHE D 122 3.35 -14.38 35.42
CA PHE D 122 3.53 -12.97 35.78
C PHE D 122 2.22 -12.27 36.10
N PRO D 123 2.05 -11.86 37.36
CA PRO D 123 0.92 -11.03 37.81
C PRO D 123 0.87 -9.70 37.07
N PRO D 124 -0.29 -9.02 37.07
CA PRO D 124 -0.43 -7.72 36.39
C PRO D 124 0.61 -6.71 36.85
N SER D 125 1.20 -5.99 35.90
CA SER D 125 2.17 -4.95 36.21
C SER D 125 1.52 -3.83 37.02
N SER D 126 2.30 -3.25 37.93
CA SER D 126 1.79 -2.20 38.81
C SER D 126 1.46 -0.93 38.03
N GLU D 127 2.14 -0.74 36.89
CA GLU D 127 1.92 0.43 36.05
C GLU D 127 0.62 0.30 35.25
N GLU D 128 0.35 -0.92 34.79
CA GLU D 128 -0.86 -1.21 34.03
C GLU D 128 -2.10 -1.12 34.91
N LEU D 129 -1.91 -1.37 36.21
CA LEU D 129 -3.02 -1.30 37.17
C LEU D 129 -3.43 0.14 37.47
N GLN D 130 -2.64 1.10 36.99
CA GLN D 130 -3.01 2.50 37.13
C GLN D 130 -4.11 2.85 36.14
N ALA D 131 -4.45 1.90 35.27
CA ALA D 131 -5.54 2.06 34.32
C ALA D 131 -6.62 1.01 34.56
N ASN D 132 -6.51 0.32 35.69
CA ASN D 132 -7.43 -0.75 36.08
C ASN D 132 -7.51 -1.84 35.02
N LYS D 133 -6.45 -1.96 34.23
CA LYS D 133 -6.34 -2.99 33.21
C LYS D 133 -5.50 -4.14 33.73
N ALA D 134 -5.94 -5.37 33.47
CA ALA D 134 -5.26 -6.55 33.99
C ALA D 134 -4.97 -7.57 32.89
N THR D 135 -3.69 -7.79 32.64
CA THR D 135 -3.26 -8.79 31.66
C THR D 135 -2.30 -9.80 32.29
N LEU D 136 -2.80 -11.00 32.54
CA LEU D 136 -1.95 -12.08 33.04
C LEU D 136 -1.19 -12.74 31.89
N VAL D 137 0.11 -12.85 32.05
CA VAL D 137 0.94 -13.47 31.02
C VAL D 137 1.51 -14.80 31.53
N CYS D 138 1.26 -15.86 30.77
CA CYS D 138 1.81 -17.18 31.10
C CYS D 138 2.76 -17.62 30.00
N LEU D 139 4.03 -17.81 30.35
CA LEU D 139 5.07 -18.09 29.37
C LEU D 139 5.63 -19.50 29.53
N ILE D 140 5.50 -20.29 28.47
CA ILE D 140 5.92 -21.68 28.49
C ILE D 140 7.19 -21.83 27.66
N SER D 141 8.21 -22.44 28.24
CA SER D 141 9.51 -22.51 27.58
C SER D 141 10.20 -23.87 27.74
N ASP D 142 11.18 -24.11 26.86
CA ASP D 142 12.05 -25.28 26.94
C ASP D 142 11.33 -26.62 26.89
N PHE D 143 10.33 -26.75 26.02
CA PHE D 143 9.63 -28.04 25.93
C PHE D 143 9.87 -28.76 24.60
N TYR D 144 9.85 -30.09 24.68
CA TYR D 144 10.16 -30.97 23.57
C TYR D 144 9.26 -32.20 23.62
N PRO D 145 8.53 -32.50 22.54
CA PRO D 145 8.46 -31.79 21.25
C PRO D 145 7.62 -30.51 21.34
N GLY D 146 7.45 -29.83 20.20
CA GLY D 146 6.81 -28.54 20.17
C GLY D 146 5.30 -28.55 20.06
N VAL D 147 4.63 -29.30 20.93
CA VAL D 147 3.18 -29.31 21.00
C VAL D 147 2.71 -29.22 22.45
N VAL D 148 1.90 -28.22 22.76
CA VAL D 148 1.41 -28.06 24.12
C VAL D 148 -0.08 -27.73 24.18
N LYS D 149 -0.65 -27.90 25.37
CA LYS D 149 -2.04 -27.55 25.62
C LYS D 149 -2.09 -26.58 26.78
N VAL D 150 -2.68 -25.41 26.56
CA VAL D 150 -2.74 -24.38 27.59
C VAL D 150 -4.13 -24.33 28.23
N ALA D 151 -4.16 -24.33 29.56
CA ALA D 151 -5.41 -24.31 30.30
C ALA D 151 -5.47 -23.11 31.24
N TRP D 152 -6.55 -22.34 31.14
CA TRP D 152 -6.70 -21.13 31.96
C TRP D 152 -7.92 -21.21 32.88
N VAL D 163 -8.87 -14.92 26.33
CA VAL D 163 -7.68 -15.74 26.46
C VAL D 163 -7.09 -16.09 25.10
N GLU D 164 -5.92 -15.52 24.81
CA GLU D 164 -5.24 -15.74 23.54
C GLU D 164 -3.95 -16.53 23.76
N THR D 165 -3.56 -17.34 22.78
CA THR D 165 -2.37 -18.17 22.89
C THR D 165 -1.61 -18.24 21.57
N THR D 166 -0.28 -18.24 21.66
CA THR D 166 0.56 -18.47 20.48
C THR D 166 0.78 -19.95 20.26
N THR D 167 1.12 -20.30 19.02
CA THR D 167 1.55 -21.66 18.69
C THR D 167 3.04 -21.76 18.98
N PRO D 168 3.50 -22.92 19.46
CA PRO D 168 4.91 -23.16 19.79
C PRO D 168 5.87 -22.71 18.70
N SER D 169 7.04 -22.22 19.11
CA SER D 169 8.03 -21.70 18.17
C SER D 169 9.44 -22.04 18.59
N LYS D 170 10.26 -22.41 17.61
CA LYS D 170 11.63 -22.86 17.87
C LYS D 170 12.48 -21.81 18.57
N GLN D 171 13.21 -22.23 19.59
CA GLN D 171 14.11 -21.34 20.31
C GLN D 171 15.48 -21.31 19.64
N SER D 172 16.47 -20.81 20.37
CA SER D 172 17.85 -20.74 19.87
C SER D 172 18.63 -22.00 20.23
N ASN D 173 17.95 -23.15 20.18
CA ASN D 173 18.56 -24.44 20.49
C ASN D 173 17.65 -25.60 20.11
N ASN D 174 16.89 -25.42 19.04
CA ASN D 174 15.92 -26.40 18.53
C ASN D 174 14.79 -26.75 19.52
N LYS D 175 14.87 -26.22 20.74
CA LYS D 175 13.81 -26.39 21.72
C LYS D 175 12.65 -25.45 21.35
N TYR D 176 11.51 -25.61 22.02
CA TYR D 176 10.33 -24.82 21.67
C TYR D 176 9.82 -23.98 22.82
N ALA D 177 9.09 -22.92 22.47
CA ALA D 177 8.48 -22.03 23.46
C ALA D 177 7.16 -21.48 22.95
N ALA D 178 6.27 -21.17 23.88
CA ALA D 178 4.96 -20.63 23.53
C ALA D 178 4.50 -19.65 24.60
N SER D 179 3.40 -18.94 24.33
CA SER D 179 2.90 -17.93 25.24
C SER D 179 1.39 -17.80 25.17
N SER D 180 0.75 -17.62 26.33
CA SER D 180 -0.69 -17.42 26.41
C SER D 180 -1.00 -16.19 27.27
N TYR D 181 -1.98 -15.41 26.83
CA TYR D 181 -2.30 -14.15 27.48
C TYR D 181 -3.71 -14.12 28.04
N LEU D 182 -4.10 -12.99 28.62
CA LEU D 182 -5.42 -12.83 29.21
C LEU D 182 -6.13 -11.59 28.67
N TYR D 195 -5.61 -17.49 39.08
CA TYR D 195 -4.17 -17.54 39.32
C TYR D 195 -3.56 -18.81 38.71
N SER D 196 -4.42 -19.72 38.26
CA SER D 196 -3.97 -21.02 37.78
C SER D 196 -3.71 -21.08 36.27
N CYS D 197 -2.44 -21.26 35.91
CA CYS D 197 -2.08 -21.56 34.53
C CYS D 197 -1.63 -23.01 34.41
N GLN D 198 -2.37 -23.81 33.66
CA GLN D 198 -2.10 -25.24 33.57
C GLN D 198 -1.63 -25.65 32.17
N VAL D 199 -0.51 -26.36 32.13
CA VAL D 199 0.07 -26.82 30.87
C VAL D 199 0.50 -28.28 30.99
N THR D 200 -0.08 -29.13 30.15
CA THR D 200 0.27 -30.54 30.12
C THR D 200 0.96 -30.88 28.80
N HIS D 201 2.04 -31.65 28.88
CA HIS D 201 2.82 -32.01 27.69
C HIS D 201 2.49 -33.42 27.21
#